data_1RLB
#
_entry.id   1RLB
#
_cell.length_a   222.400
_cell.length_b   163.400
_cell.length_c   55.500
_cell.angle_alpha   90.00
_cell.angle_beta   90.00
_cell.angle_gamma   90.00
#
_symmetry.space_group_name_H-M   'I 2 2 2'
#
loop_
_entity.id
_entity.type
_entity.pdbx_description
1 polymer TRANSTHYRETIN
2 polymer 'RETINOL BINDING PROTEIN'
3 non-polymer 'RETINOIC ACID'
#
loop_
_entity_poly.entity_id
_entity_poly.type
_entity_poly.pdbx_seq_one_letter_code
_entity_poly.pdbx_strand_id
1 'polypeptide(L)'
;GPTGTGESKCPLMVKVLDAVRGSPAINVAVHVFRKAADDTWEPFASGKTSESGELHGLTTEEQFVEGIYKVEIDTKSYWK
ALGISPFHEHAEVVFTANDSGPRRYTIAALLSPYSYSTTAVVTNPKE
;
A,B,C,D
2 'polypeptide(L)'
;ERDCRVSSFRVKENFDKARFAGTWYAMAKKDPEGLFLQDNIVAEFSVDENGHMSATAKGRVRLLNNWDVCADMVGTFTDT
EDPAKFKMKYWGVASFLQKGNDDHWIIDTDYETFAVQYSCRLLNLDGTCADSYSFVFARDPSGFSPQVQKIVRQRQEELC
LARQYRLIPHNGYC
;
E,F
#
# COMPACT_ATOMS: atom_id res chain seq x y z
N THR A 5 -26.07 -14.76 -3.90
CA THR A 5 -24.85 -13.97 -3.73
C THR A 5 -25.30 -12.68 -4.41
N GLY A 6 -24.45 -11.98 -5.16
CA GLY A 6 -24.96 -11.07 -6.16
C GLY A 6 -25.06 -11.94 -7.43
N GLU A 7 -25.53 -11.44 -8.57
CA GLU A 7 -25.42 -12.20 -9.82
C GLU A 7 -23.97 -11.95 -10.20
N SER A 8 -23.62 -10.67 -10.29
CA SER A 8 -22.25 -10.24 -10.46
C SER A 8 -22.11 -8.89 -9.76
N LYS A 9 -23.22 -8.29 -9.28
CA LYS A 9 -23.22 -6.95 -8.73
C LYS A 9 -22.53 -6.96 -7.39
N CYS A 10 -21.59 -6.04 -7.19
CA CYS A 10 -20.92 -5.94 -5.92
C CYS A 10 -20.37 -4.52 -6.03
N PRO A 11 -21.12 -3.52 -5.56
CA PRO A 11 -20.63 -2.14 -5.43
C PRO A 11 -19.30 -1.88 -4.70
N LEU A 12 -19.15 -2.42 -3.50
CA LEU A 12 -18.02 -2.23 -2.60
C LEU A 12 -17.60 -3.63 -2.26
N MET A 13 -16.32 -3.89 -2.46
CA MET A 13 -15.78 -5.21 -2.30
C MET A 13 -14.34 -5.11 -1.82
N VAL A 14 -14.03 -5.88 -0.77
CA VAL A 14 -12.72 -5.93 -0.17
C VAL A 14 -12.04 -7.30 -0.25
N LYS A 15 -10.76 -7.29 -0.61
CA LYS A 15 -9.98 -8.50 -0.77
C LYS A 15 -8.75 -8.22 0.03
N VAL A 16 -8.29 -9.17 0.87
CA VAL A 16 -7.18 -8.92 1.77
C VAL A 16 -6.23 -10.06 1.58
N LEU A 17 -4.92 -9.85 1.59
CA LEU A 17 -3.93 -10.89 1.35
C LEU A 17 -2.63 -10.92 2.20
N ASP A 18 -2.07 -12.13 2.38
CA ASP A 18 -0.89 -12.31 3.20
C ASP A 18 0.33 -12.68 2.36
N ALA A 19 1.09 -11.64 2.11
CA ALA A 19 2.33 -11.72 1.38
C ALA A 19 3.45 -12.34 2.20
N VAL A 20 3.16 -12.76 3.44
CA VAL A 20 4.15 -13.44 4.29
C VAL A 20 3.87 -14.93 4.24
N ARG A 21 2.58 -15.24 4.28
CA ARG A 21 2.18 -16.62 4.31
C ARG A 21 1.44 -17.01 3.04
N GLY A 22 1.85 -16.44 1.92
CA GLY A 22 1.28 -16.78 0.61
C GLY A 22 -0.22 -17.10 0.52
N SER A 23 -1.08 -16.47 1.32
CA SER A 23 -2.44 -16.93 1.26
C SER A 23 -3.42 -15.88 1.66
N PRO A 24 -4.68 -16.23 1.58
CA PRO A 24 -5.71 -15.34 2.04
C PRO A 24 -5.66 -14.84 3.46
N ALA A 25 -5.75 -13.53 3.65
CA ALA A 25 -5.79 -12.99 4.98
C ALA A 25 -7.18 -13.30 5.55
N ILE A 26 -7.32 -14.55 6.07
CA ILE A 26 -8.63 -15.00 6.55
C ILE A 26 -9.04 -14.39 7.90
N ASN A 27 -10.31 -13.96 7.89
CA ASN A 27 -11.06 -13.44 9.03
C ASN A 27 -10.72 -12.02 9.47
N VAL A 28 -10.29 -11.11 8.56
CA VAL A 28 -9.93 -9.74 8.94
C VAL A 28 -11.19 -8.95 9.21
N ALA A 29 -11.08 -7.89 10.02
CA ALA A 29 -12.25 -7.09 10.38
C ALA A 29 -12.36 -5.72 9.75
N VAL A 30 -13.02 -5.72 8.61
CA VAL A 30 -13.21 -4.51 7.82
C VAL A 30 -14.41 -3.70 8.37
N HIS A 31 -14.29 -2.37 8.51
CA HIS A 31 -15.30 -1.45 9.07
C HIS A 31 -15.44 -0.32 8.07
N VAL A 32 -16.35 -0.44 7.09
CA VAL A 32 -16.52 0.56 6.05
C VAL A 32 -17.26 1.72 6.69
N PHE A 33 -16.65 2.90 6.75
CA PHE A 33 -17.26 4.14 7.22
C PHE A 33 -17.66 5.16 6.17
N ARG A 34 -18.80 5.86 6.28
CA ARG A 34 -19.14 6.92 5.33
C ARG A 34 -19.15 8.26 6.05
N LYS A 35 -18.30 9.12 5.55
CA LYS A 35 -18.19 10.44 6.17
C LYS A 35 -19.46 11.10 5.71
N ALA A 36 -20.05 11.72 6.72
CA ALA A 36 -21.28 12.42 6.56
C ALA A 36 -21.10 13.93 6.71
N ALA A 37 -22.26 14.60 6.69
CA ALA A 37 -22.46 16.04 6.69
C ALA A 37 -21.54 17.04 7.40
N ASP A 38 -20.68 16.64 8.33
CA ASP A 38 -19.94 17.62 9.10
C ASP A 38 -18.60 17.06 9.52
N ASP A 39 -17.90 16.30 8.64
CA ASP A 39 -16.66 15.60 9.01
C ASP A 39 -16.91 14.54 10.13
N THR A 40 -17.97 13.74 10.09
CA THR A 40 -18.19 12.71 11.11
C THR A 40 -18.26 11.42 10.27
N TRP A 41 -17.34 10.51 10.55
CA TRP A 41 -17.28 9.24 9.87
C TRP A 41 -18.34 8.40 10.51
N GLU A 42 -19.48 8.44 9.85
CA GLU A 42 -20.62 7.77 10.40
C GLU A 42 -20.56 6.34 9.96
N PRO A 43 -20.63 5.41 10.88
CA PRO A 43 -20.61 4.00 10.54
C PRO A 43 -21.50 3.54 9.39
N PHE A 44 -20.88 2.98 8.35
CA PHE A 44 -21.61 2.59 7.18
C PHE A 44 -21.74 1.08 7.30
N ALA A 45 -20.80 0.18 6.96
CA ALA A 45 -21.04 -1.27 7.06
C ALA A 45 -19.85 -2.07 7.57
N SER A 46 -19.91 -3.36 7.94
CA SER A 46 -18.79 -4.04 8.59
C SER A 46 -18.84 -5.52 8.28
N GLY A 47 -17.69 -6.26 8.42
CA GLY A 47 -17.61 -7.69 8.16
C GLY A 47 -16.25 -8.38 8.45
N LYS A 48 -16.16 -9.67 8.11
CA LYS A 48 -15.01 -10.55 8.32
C LYS A 48 -14.67 -11.32 7.05
N THR A 49 -13.41 -11.34 6.61
CA THR A 49 -13.11 -11.94 5.33
C THR A 49 -13.27 -13.46 5.33
N SER A 50 -13.76 -13.91 4.18
CA SER A 50 -14.05 -15.32 3.91
C SER A 50 -12.77 -16.12 3.72
N GLU A 51 -13.00 -17.41 3.54
CA GLU A 51 -11.93 -18.40 3.31
C GLU A 51 -11.15 -17.98 2.07
N SER A 52 -11.84 -17.24 1.22
CA SER A 52 -11.30 -16.76 -0.07
C SER A 52 -10.70 -15.34 0.03
N GLY A 53 -10.61 -14.85 1.25
CA GLY A 53 -10.03 -13.52 1.53
C GLY A 53 -10.92 -12.38 0.98
N GLU A 54 -12.22 -12.57 0.99
CA GLU A 54 -13.13 -11.54 0.45
C GLU A 54 -14.32 -11.24 1.38
N LEU A 55 -14.49 -9.96 1.76
CA LEU A 55 -15.75 -9.53 2.45
C LEU A 55 -16.72 -9.37 1.26
N HIS A 56 -18.04 -9.51 1.28
CA HIS A 56 -18.85 -9.27 0.08
C HIS A 56 -20.18 -8.70 0.52
N GLY A 57 -20.87 -7.93 -0.34
CA GLY A 57 -22.22 -7.42 -0.05
C GLY A 57 -22.34 -6.58 1.20
N LEU A 58 -21.54 -5.55 1.20
CA LEU A 58 -21.55 -4.62 2.32
C LEU A 58 -22.64 -3.53 2.26
N THR A 59 -23.30 -3.41 1.10
CA THR A 59 -24.20 -2.32 0.84
C THR A 59 -24.91 -2.72 -0.43
N THR A 60 -25.98 -1.97 -0.64
CA THR A 60 -26.80 -2.11 -1.82
C THR A 60 -26.48 -0.92 -2.71
N GLU A 61 -26.86 -0.98 -4.01
CA GLU A 61 -26.66 0.22 -4.79
C GLU A 61 -27.60 1.33 -4.30
N GLU A 62 -28.76 1.12 -3.63
CA GLU A 62 -29.47 2.30 -3.21
C GLU A 62 -28.87 2.86 -1.92
N GLN A 63 -28.02 2.15 -1.15
CA GLN A 63 -27.36 2.77 -0.01
C GLN A 63 -26.04 3.46 -0.29
N PHE A 64 -25.38 3.08 -1.42
CA PHE A 64 -24.07 3.59 -1.78
C PHE A 64 -24.26 4.91 -2.47
N VAL A 65 -24.16 6.02 -1.73
CA VAL A 65 -24.45 7.35 -2.27
C VAL A 65 -23.14 8.08 -2.38
N GLU A 66 -23.22 9.14 -3.14
CA GLU A 66 -22.06 9.93 -3.46
C GLU A 66 -21.44 10.48 -2.17
N GLY A 67 -20.32 9.94 -1.73
CA GLY A 67 -19.72 10.41 -0.50
C GLY A 67 -18.34 9.83 -0.30
N ILE A 68 -17.58 10.44 0.62
CA ILE A 68 -16.27 9.95 1.01
C ILE A 68 -16.42 8.74 1.96
N TYR A 69 -16.16 7.54 1.46
CA TYR A 69 -16.24 6.34 2.32
C TYR A 69 -14.85 6.04 2.86
N LYS A 70 -14.80 5.00 3.67
CA LYS A 70 -13.54 4.55 4.26
C LYS A 70 -13.61 3.08 4.63
N VAL A 71 -12.86 2.29 3.92
CA VAL A 71 -12.70 0.92 4.31
C VAL A 71 -11.47 0.95 5.22
N GLU A 72 -11.68 0.49 6.44
CA GLU A 72 -10.63 0.38 7.46
C GLU A 72 -10.56 -1.11 7.77
N ILE A 73 -9.37 -1.59 7.58
CA ILE A 73 -9.02 -3.00 7.70
C ILE A 73 -8.23 -3.20 9.00
N ASP A 74 -8.67 -4.07 9.91
CA ASP A 74 -7.96 -4.35 11.15
C ASP A 74 -6.82 -5.30 10.86
N THR A 75 -5.66 -4.68 10.65
CA THR A 75 -4.46 -5.43 10.35
C THR A 75 -3.88 -5.85 11.67
N LYS A 76 -3.55 -4.97 12.62
CA LYS A 76 -2.92 -5.36 13.87
C LYS A 76 -3.43 -6.65 14.43
N SER A 77 -4.72 -6.83 14.58
CA SER A 77 -5.29 -8.11 15.02
C SER A 77 -4.83 -9.30 14.22
N TYR A 78 -4.77 -9.22 12.90
CA TYR A 78 -4.31 -10.29 12.02
C TYR A 78 -2.93 -10.71 12.44
N TRP A 79 -2.14 -9.72 12.80
CA TRP A 79 -0.76 -9.99 13.16
C TRP A 79 -0.60 -10.41 14.62
N LYS A 80 -1.11 -9.64 15.54
CA LYS A 80 -1.04 -10.02 16.96
C LYS A 80 -1.39 -11.52 17.09
N ALA A 81 -2.49 -11.90 16.44
CA ALA A 81 -2.99 -13.29 16.49
C ALA A 81 -2.17 -14.23 15.60
N LEU A 82 -0.91 -13.85 15.41
CA LEU A 82 0.04 -14.63 14.61
C LEU A 82 1.43 -14.56 15.26
N GLY A 83 1.52 -13.71 16.23
CA GLY A 83 2.70 -13.61 17.07
C GLY A 83 3.76 -12.65 16.58
N ILE A 84 3.48 -11.78 15.61
CA ILE A 84 4.48 -10.80 15.21
C ILE A 84 3.92 -9.45 15.65
N SER A 85 4.73 -8.54 16.18
CA SER A 85 4.32 -7.14 16.40
C SER A 85 4.39 -6.27 15.13
N PRO A 86 3.23 -6.13 14.43
CA PRO A 86 2.99 -5.31 13.25
C PRO A 86 3.32 -3.84 13.39
N PHE A 87 3.60 -3.11 12.32
CA PHE A 87 3.84 -1.69 12.48
C PHE A 87 2.54 -0.90 12.50
N HIS A 88 1.72 -1.35 11.56
CA HIS A 88 0.55 -0.61 11.27
C HIS A 88 -0.61 -0.94 12.22
N GLU A 89 -1.12 0.14 12.83
CA GLU A 89 -2.30 0.08 13.67
C GLU A 89 -3.41 -0.56 12.88
N HIS A 90 -3.79 -0.06 11.67
CA HIS A 90 -4.74 -0.74 10.74
C HIS A 90 -4.50 -0.28 9.28
N ALA A 91 -5.13 -0.84 8.24
CA ALA A 91 -4.95 -0.37 6.86
C ALA A 91 -6.25 0.31 6.41
N GLU A 92 -6.23 1.57 5.93
CA GLU A 92 -7.44 2.28 5.53
C GLU A 92 -7.45 2.46 4.03
N VAL A 93 -8.59 2.83 3.44
CA VAL A 93 -8.70 3.19 2.04
C VAL A 93 -9.90 4.16 2.10
N VAL A 94 -9.61 5.47 2.00
CA VAL A 94 -10.64 6.48 2.00
C VAL A 94 -10.92 7.05 0.64
N PHE A 95 -12.08 6.74 0.08
CA PHE A 95 -12.37 7.09 -1.29
C PHE A 95 -13.80 7.59 -1.50
N THR A 96 -13.88 8.68 -2.34
CA THR A 96 -15.12 9.31 -2.79
C THR A 96 -15.65 8.37 -3.82
N ALA A 97 -16.79 7.85 -3.53
CA ALA A 97 -17.32 6.80 -4.33
C ALA A 97 -18.07 7.22 -5.59
N ASN A 98 -19.36 7.07 -5.50
CA ASN A 98 -20.22 7.06 -6.67
C ASN A 98 -20.68 8.47 -7.50
N ASP A 99 -19.72 9.37 -7.58
CA ASP A 99 -19.84 10.63 -8.33
C ASP A 99 -20.32 10.37 -9.79
N SER A 100 -19.55 9.62 -10.61
CA SER A 100 -19.83 9.42 -12.03
C SER A 100 -20.62 8.19 -12.33
N GLY A 101 -21.38 7.68 -11.37
CA GLY A 101 -22.17 6.47 -11.52
C GLY A 101 -21.44 5.09 -11.54
N PRO A 102 -20.07 4.88 -11.63
CA PRO A 102 -19.41 3.60 -12.00
C PRO A 102 -19.30 2.69 -10.78
N ARG A 103 -20.33 2.01 -10.45
CA ARG A 103 -20.59 1.57 -9.07
C ARG A 103 -19.49 0.60 -8.62
N ARG A 104 -18.72 -0.04 -9.41
CA ARG A 104 -18.01 -1.15 -8.82
C ARG A 104 -16.57 -0.92 -8.45
N TYR A 105 -16.49 -0.77 -7.14
CA TYR A 105 -15.29 -0.60 -6.39
C TYR A 105 -14.82 -1.90 -5.79
N THR A 106 -13.66 -2.40 -6.27
CA THR A 106 -12.96 -3.49 -5.60
C THR A 106 -11.66 -2.98 -4.95
N ILE A 107 -11.55 -2.95 -3.62
CA ILE A 107 -10.39 -2.48 -2.88
C ILE A 107 -9.60 -3.76 -2.54
N ALA A 108 -8.45 -4.15 -3.09
CA ALA A 108 -7.79 -5.36 -2.68
C ALA A 108 -6.57 -4.94 -1.89
N ALA A 109 -6.11 -5.65 -0.86
CA ALA A 109 -4.98 -5.19 -0.04
C ALA A 109 -3.83 -6.22 0.05
N LEU A 110 -2.55 -5.94 0.29
CA LEU A 110 -1.52 -6.98 0.41
C LEU A 110 -0.69 -6.63 1.64
N LEU A 111 -0.80 -7.49 2.63
CA LEU A 111 -0.17 -7.25 3.92
C LEU A 111 1.15 -7.99 4.12
N SER A 112 1.79 -7.52 5.17
CA SER A 112 3.04 -8.04 5.76
C SER A 112 3.28 -7.15 7.00
N PRO A 113 4.09 -7.51 8.01
CA PRO A 113 4.14 -6.74 9.27
C PRO A 113 4.41 -5.24 9.13
N TYR A 114 5.34 -4.81 8.28
CA TYR A 114 5.71 -3.37 8.24
C TYR A 114 5.52 -2.73 6.88
N SER A 115 4.67 -3.38 6.09
CA SER A 115 4.28 -2.82 4.81
C SER A 115 2.90 -3.29 4.29
N TYR A 116 2.19 -2.45 3.57
CA TYR A 116 0.94 -2.85 2.93
C TYR A 116 0.72 -1.96 1.71
N SER A 117 0.04 -2.57 0.75
CA SER A 117 -0.27 -1.91 -0.48
C SER A 117 -1.76 -2.08 -0.71
N THR A 118 -2.40 -1.12 -1.35
CA THR A 118 -3.78 -1.23 -1.70
C THR A 118 -3.91 -0.73 -3.14
N THR A 119 -4.87 -1.30 -3.85
CA THR A 119 -5.23 -1.02 -5.22
C THR A 119 -6.73 -1.14 -5.27
N ALA A 120 -7.18 -0.21 -6.09
CA ALA A 120 -8.58 -0.07 -6.41
C ALA A 120 -8.75 -0.50 -7.84
N VAL A 121 -9.90 -1.00 -8.06
CA VAL A 121 -10.33 -1.44 -9.36
C VAL A 121 -11.73 -0.89 -9.53
N VAL A 122 -11.83 0.17 -10.29
CA VAL A 122 -13.11 0.86 -10.46
C VAL A 122 -13.76 0.55 -11.81
N THR A 123 -14.68 -0.39 -11.76
CA THR A 123 -15.37 -0.80 -12.95
C THR A 123 -16.80 -0.32 -12.95
N ASN A 124 -17.07 0.16 -14.12
CA ASN A 124 -18.33 0.69 -14.51
C ASN A 124 -19.38 -0.41 -14.51
N PRO A 125 -20.63 -0.16 -14.10
CA PRO A 125 -21.72 -1.09 -14.34
C PRO A 125 -22.07 -1.12 -15.80
N LYS A 126 -23.25 -0.78 -16.25
CA LYS A 126 -23.47 -0.91 -17.67
C LYS A 126 -23.93 0.47 -18.06
N GLU A 127 -22.86 1.21 -17.76
CA GLU A 127 -22.68 2.64 -17.72
C GLU A 127 -23.11 3.00 -16.33
N SER B 8 20.48 7.79 11.29
CA SER B 8 20.00 9.14 11.67
C SER B 8 19.02 9.45 12.79
N LYS B 9 19.41 10.72 13.27
CA LYS B 9 18.82 11.58 14.35
C LYS B 9 17.70 12.36 13.73
N CYS B 10 16.79 11.53 13.36
CA CYS B 10 15.54 11.95 12.89
C CYS B 10 14.49 11.11 13.49
N PRO B 11 13.77 11.77 14.41
CA PRO B 11 12.74 11.11 15.13
C PRO B 11 11.90 10.32 14.13
N LEU B 12 11.06 10.99 13.36
CA LEU B 12 10.16 10.37 12.32
C LEU B 12 10.65 10.99 11.07
N MET B 13 10.29 10.37 9.95
CA MET B 13 10.74 10.89 8.67
C MET B 13 10.07 10.12 7.53
N VAL B 14 9.59 10.95 6.56
CA VAL B 14 8.76 10.57 5.42
C VAL B 14 9.50 10.72 4.11
N LYS B 15 9.23 9.75 3.27
CA LYS B 15 9.74 9.78 1.91
C LYS B 15 8.51 9.40 1.05
N VAL B 16 8.43 9.91 -0.17
CA VAL B 16 7.25 9.73 -0.98
C VAL B 16 7.82 9.52 -2.38
N LEU B 17 7.29 8.64 -3.25
CA LEU B 17 7.89 8.45 -4.57
C LEU B 17 6.81 8.20 -5.62
N ASP B 18 7.04 8.79 -6.80
CA ASP B 18 6.11 8.67 -7.88
C ASP B 18 6.49 7.47 -8.75
N ALA B 19 5.71 6.44 -8.47
CA ALA B 19 5.83 5.26 -9.24
C ALA B 19 5.50 5.57 -10.67
N VAL B 20 4.62 6.51 -11.07
CA VAL B 20 4.31 6.72 -12.50
C VAL B 20 5.43 7.39 -13.27
N ARG B 21 5.92 8.47 -12.72
CA ARG B 21 6.94 9.22 -13.40
C ARG B 21 8.34 8.81 -12.98
N GLY B 22 8.53 7.72 -12.23
CA GLY B 22 9.84 7.28 -11.73
C GLY B 22 10.75 8.33 -11.15
N SER B 23 10.19 9.13 -10.26
CA SER B 23 10.89 10.23 -9.65
C SER B 23 10.28 10.46 -8.30
N PRO B 24 10.91 11.18 -7.40
CA PRO B 24 10.27 11.72 -6.22
C PRO B 24 8.96 12.45 -6.52
N ALA B 25 8.09 12.32 -5.51
CA ALA B 25 6.83 13.01 -5.49
C ALA B 25 7.11 14.38 -4.88
N ILE B 26 7.70 15.34 -5.54
CA ILE B 26 7.96 16.63 -4.88
C ILE B 26 6.70 17.48 -4.41
N ASN B 27 6.85 18.12 -3.26
CA ASN B 27 5.82 18.96 -2.68
C ASN B 27 4.48 18.37 -2.28
N VAL B 28 4.58 17.19 -1.66
CA VAL B 28 3.41 16.60 -1.03
C VAL B 28 3.28 17.06 0.41
N ALA B 29 2.04 17.40 0.70
CA ALA B 29 1.69 18.00 1.95
C ALA B 29 1.42 16.97 2.99
N VAL B 30 2.51 16.62 3.69
CA VAL B 30 2.48 15.64 4.76
C VAL B 30 2.10 16.24 6.11
N HIS B 31 1.14 15.56 6.69
CA HIS B 31 0.55 16.01 7.94
C HIS B 31 0.55 15.02 9.09
N VAL B 32 1.53 15.18 9.96
CA VAL B 32 1.55 14.31 11.10
C VAL B 32 0.53 14.87 12.12
N PHE B 33 -0.13 13.90 12.79
CA PHE B 33 -1.17 14.05 13.81
C PHE B 33 -0.83 13.18 14.99
N ARG B 34 -1.13 13.58 16.25
CA ARG B 34 -0.94 12.70 17.40
C ARG B 34 -2.23 12.62 18.23
N LYS B 35 -2.86 11.44 18.20
CA LYS B 35 -4.11 11.14 18.86
C LYS B 35 -3.68 11.32 20.24
N ALA B 36 -4.53 12.13 20.87
CA ALA B 36 -4.47 12.45 22.28
C ALA B 36 -5.33 11.55 23.16
N ALA B 37 -5.66 12.12 24.30
CA ALA B 37 -6.33 11.47 25.44
C ALA B 37 -7.75 10.90 25.20
N ASP B 38 -8.47 11.30 24.15
CA ASP B 38 -9.89 11.06 24.05
C ASP B 38 -10.12 10.90 22.59
N ASP B 39 -9.26 10.20 21.86
CA ASP B 39 -9.49 9.95 20.43
C ASP B 39 -9.57 11.20 19.56
N THR B 40 -8.87 12.22 20.00
CA THR B 40 -8.97 13.44 19.24
C THR B 40 -7.59 13.58 18.62
N TRP B 41 -7.55 13.66 17.26
CA TRP B 41 -6.30 13.64 16.50
C TRP B 41 -5.78 15.01 16.56
N GLU B 42 -5.17 15.32 17.67
CA GLU B 42 -4.70 16.67 17.80
C GLU B 42 -3.45 16.84 16.95
N PRO B 43 -3.48 17.93 16.23
CA PRO B 43 -2.37 18.32 15.41
C PRO B 43 -0.97 18.26 16.01
N PHE B 44 -0.28 17.30 15.39
CA PHE B 44 1.11 17.08 15.72
C PHE B 44 2.01 17.94 14.84
N ALA B 45 2.38 17.66 13.56
CA ALA B 45 3.42 18.44 12.83
C ALA B 45 3.20 18.47 11.32
N SER B 46 3.75 19.38 10.47
CA SER B 46 3.41 19.37 9.04
C SER B 46 4.52 19.88 8.13
N GLY B 47 4.66 19.36 6.89
CA GLY B 47 5.71 19.80 5.98
C GLY B 47 5.44 19.34 4.56
N LYS B 48 6.23 19.87 3.63
CA LYS B 48 6.14 19.61 2.17
C LYS B 48 7.40 18.91 1.66
N THR B 49 7.27 17.80 0.96
CA THR B 49 8.43 17.08 0.52
C THR B 49 9.28 17.90 -0.45
N SER B 50 10.58 17.84 -0.05
CA SER B 50 11.74 18.48 -0.68
C SER B 50 12.01 18.00 -2.10
N GLU B 51 13.06 18.54 -2.72
CA GLU B 51 13.52 18.14 -4.04
C GLU B 51 13.75 16.63 -4.17
N SER B 52 14.22 16.10 -3.02
CA SER B 52 14.61 14.71 -2.81
C SER B 52 13.51 13.83 -2.19
N GLY B 53 12.30 14.36 -2.28
CA GLY B 53 11.13 13.64 -1.84
C GLY B 53 11.10 13.50 -0.35
N GLU B 54 11.90 14.24 0.44
CA GLU B 54 11.94 14.06 1.87
C GLU B 54 11.48 15.17 2.82
N LEU B 55 10.54 14.90 3.73
CA LEU B 55 10.17 15.81 4.82
C LEU B 55 11.25 15.45 5.85
N HIS B 56 11.86 16.35 6.61
CA HIS B 56 12.93 16.02 7.55
C HIS B 56 12.99 17.03 8.70
N GLY B 57 12.63 16.58 9.87
CA GLY B 57 12.66 17.47 11.02
C GLY B 57 11.20 17.81 11.19
N LEU B 58 10.60 17.06 12.08
CA LEU B 58 9.17 17.26 12.29
C LEU B 58 8.84 17.13 13.79
N THR B 59 9.89 16.93 14.56
CA THR B 59 9.77 16.74 15.99
C THR B 59 11.20 16.56 16.44
N THR B 60 11.26 16.56 17.76
CA THR B 60 12.46 16.30 18.52
C THR B 60 12.05 15.06 19.33
N GLU B 61 13.10 14.42 19.84
CA GLU B 61 12.97 13.28 20.75
C GLU B 61 12.19 13.69 21.99
N GLU B 62 12.40 14.87 22.59
CA GLU B 62 11.53 15.23 23.71
C GLU B 62 10.10 15.48 23.17
N GLN B 63 9.89 15.85 21.89
CA GLN B 63 8.54 16.03 21.37
C GLN B 63 7.85 14.81 20.76
N PHE B 64 8.52 13.66 20.59
CA PHE B 64 7.88 12.47 20.02
C PHE B 64 7.59 11.57 21.22
N VAL B 65 6.32 11.54 21.53
CA VAL B 65 5.90 10.88 22.75
C VAL B 65 5.14 9.58 22.49
N GLU B 66 5.32 8.60 23.39
CA GLU B 66 4.62 7.32 23.25
C GLU B 66 3.13 7.56 22.96
N GLY B 67 2.72 7.50 21.69
CA GLY B 67 1.30 7.64 21.34
C GLY B 67 0.97 7.01 20.00
N ILE B 68 -0.33 6.94 19.62
CA ILE B 68 -0.73 6.47 18.30
C ILE B 68 -0.61 7.68 17.35
N TYR B 69 0.44 7.73 16.55
CA TYR B 69 0.65 8.83 15.64
C TYR B 69 0.00 8.56 14.31
N LYS B 70 -0.18 9.57 13.49
CA LYS B 70 -0.70 9.38 12.17
C LYS B 70 0.16 10.24 11.27
N VAL B 71 0.65 9.75 10.13
CA VAL B 71 1.22 10.60 9.10
C VAL B 71 0.11 10.47 8.05
N GLU B 72 -0.31 11.61 7.47
CA GLU B 72 -1.33 11.68 6.44
C GLU B 72 -0.76 12.52 5.30
N ILE B 73 -0.51 11.78 4.26
CA ILE B 73 0.04 12.27 3.00
C ILE B 73 -1.08 12.81 2.11
N ASP B 74 -0.93 14.03 1.57
CA ASP B 74 -1.93 14.55 0.65
C ASP B 74 -1.68 13.86 -0.69
N THR B 75 -2.24 12.66 -0.97
CA THR B 75 -2.02 12.09 -2.30
C THR B 75 -2.84 12.81 -3.38
N LYS B 76 -4.17 12.98 -3.27
CA LYS B 76 -4.98 13.66 -4.29
C LYS B 76 -4.46 14.99 -4.76
N SER B 77 -4.13 16.01 -3.96
CA SER B 77 -3.56 17.24 -4.52
C SER B 77 -2.28 17.02 -5.35
N TYR B 78 -1.57 15.90 -5.10
CA TYR B 78 -0.41 15.54 -5.89
C TYR B 78 -0.93 15.23 -7.30
N TRP B 79 -2.00 14.41 -7.42
CA TRP B 79 -2.49 14.01 -8.73
C TRP B 79 -3.42 14.99 -9.42
N LYS B 80 -4.31 15.72 -8.74
CA LYS B 80 -5.06 16.79 -9.38
C LYS B 80 -4.04 17.71 -10.06
N ALA B 81 -2.96 18.15 -9.40
CA ALA B 81 -2.01 19.02 -10.04
C ALA B 81 -1.04 18.17 -10.82
N LEU B 82 -1.61 17.50 -11.81
CA LEU B 82 -0.92 16.61 -12.76
C LEU B 82 -1.94 16.12 -13.78
N GLY B 83 -3.19 16.37 -13.36
CA GLY B 83 -4.36 16.34 -14.20
C GLY B 83 -5.00 15.01 -14.37
N ILE B 84 -4.82 14.06 -13.42
CA ILE B 84 -5.36 12.69 -13.46
C ILE B 84 -6.19 12.61 -12.19
N SER B 85 -7.37 12.03 -12.30
CA SER B 85 -8.29 11.79 -11.20
C SER B 85 -8.00 10.51 -10.43
N PRO B 86 -7.31 10.64 -9.30
CA PRO B 86 -6.67 9.59 -8.54
C PRO B 86 -7.75 8.75 -7.90
N PHE B 87 -7.41 7.80 -7.01
CA PHE B 87 -8.51 7.13 -6.34
C PHE B 87 -8.51 7.60 -4.89
N HIS B 88 -7.32 7.71 -4.33
CA HIS B 88 -7.30 7.85 -2.90
C HIS B 88 -7.45 9.32 -2.53
N GLU B 89 -8.26 9.56 -1.50
CA GLU B 89 -8.48 10.93 -0.98
C GLU B 89 -7.14 11.49 -0.44
N HIS B 90 -6.33 10.58 0.07
CA HIS B 90 -4.98 10.84 0.63
C HIS B 90 -4.50 9.53 1.25
N ALA B 91 -3.24 9.44 1.61
CA ALA B 91 -2.70 8.22 2.24
C ALA B 91 -2.37 8.52 3.71
N GLU B 92 -2.65 7.53 4.56
CA GLU B 92 -2.41 7.63 6.03
C GLU B 92 -1.48 6.48 6.48
N VAL B 93 -0.60 6.69 7.49
CA VAL B 93 0.22 5.66 8.13
C VAL B 93 -0.10 5.81 9.64
N VAL B 94 -0.97 4.98 10.19
CA VAL B 94 -1.22 5.10 11.59
C VAL B 94 -0.45 4.05 12.37
N PHE B 95 0.44 4.56 13.20
CA PHE B 95 1.30 3.72 14.01
C PHE B 95 1.47 4.24 15.42
N THR B 96 1.62 3.28 16.30
CA THR B 96 1.95 3.52 17.70
C THR B 96 3.43 3.68 17.70
N ALA B 97 3.87 4.52 18.54
CA ALA B 97 5.28 4.79 18.55
C ALA B 97 5.94 4.31 19.81
N ASN B 98 6.89 5.14 20.07
CA ASN B 98 7.87 5.07 21.13
C ASN B 98 7.37 4.48 22.43
N ASP B 99 7.03 3.21 22.36
CA ASP B 99 6.71 2.48 23.59
C ASP B 99 7.95 1.71 24.07
N SER B 100 8.76 1.22 23.13
CA SER B 100 9.97 0.43 23.51
C SER B 100 11.27 1.22 23.28
N GLY B 101 11.13 2.53 23.25
CA GLY B 101 12.27 3.46 23.18
C GLY B 101 12.90 3.61 21.73
N PRO B 102 12.74 2.66 20.77
CA PRO B 102 13.40 2.71 19.41
C PRO B 102 12.91 3.86 18.52
N ARG B 103 13.31 5.06 18.87
CA ARG B 103 12.81 6.34 18.27
C ARG B 103 12.98 6.56 16.72
N ARG B 104 13.75 5.79 15.94
CA ARG B 104 13.80 6.12 14.48
C ARG B 104 12.75 5.35 13.68
N TYR B 105 12.00 6.19 13.03
CA TYR B 105 10.91 5.77 12.21
C TYR B 105 11.10 6.43 10.88
N THR B 106 11.06 5.63 9.83
CA THR B 106 11.06 6.16 8.48
C THR B 106 9.88 5.48 7.81
N ILE B 107 9.04 6.32 7.20
CA ILE B 107 7.84 5.91 6.49
C ILE B 107 8.19 6.24 5.04
N ALA B 108 8.01 5.31 4.13
CA ALA B 108 8.30 5.50 2.75
C ALA B 108 7.02 5.06 2.02
N ALA B 109 6.42 5.86 1.11
CA ALA B 109 5.20 5.56 0.37
C ALA B 109 5.42 5.47 -1.16
N LEU B 110 4.55 4.83 -1.95
CA LEU B 110 4.80 4.65 -3.39
C LEU B 110 3.47 4.87 -4.01
N LEU B 111 3.41 5.99 -4.75
CA LEU B 111 2.20 6.54 -5.31
C LEU B 111 2.04 6.16 -6.73
N SER B 112 0.80 5.91 -7.10
CA SER B 112 0.30 5.73 -8.46
C SER B 112 -1.21 6.08 -8.37
N PRO B 113 -1.91 6.57 -9.39
CA PRO B 113 -3.33 6.81 -9.34
C PRO B 113 -4.17 5.87 -8.51
N TYR B 114 -4.26 4.57 -8.83
CA TYR B 114 -5.19 3.75 -8.08
C TYR B 114 -4.60 2.79 -7.06
N SER B 115 -3.30 2.99 -6.74
CA SER B 115 -2.58 2.13 -5.79
C SER B 115 -1.54 2.91 -5.00
N TYR B 116 -1.22 2.39 -3.84
CA TYR B 116 -0.12 2.94 -3.03
C TYR B 116 0.26 1.92 -1.97
N SER B 117 1.49 2.02 -1.59
CA SER B 117 2.08 1.15 -0.59
C SER B 117 2.91 2.01 0.31
N THR B 118 3.10 1.52 1.49
CA THR B 118 3.86 2.25 2.47
C THR B 118 4.55 1.23 3.38
N THR B 119 5.82 1.49 3.61
CA THR B 119 6.67 0.62 4.42
C THR B 119 7.33 1.41 5.53
N ALA B 120 7.52 0.68 6.63
CA ALA B 120 8.11 1.20 7.84
C ALA B 120 9.53 0.73 7.87
N VAL B 121 10.40 1.51 8.48
CA VAL B 121 11.74 1.07 8.73
C VAL B 121 12.03 1.61 10.12
N VAL B 122 11.68 0.78 11.08
CA VAL B 122 11.82 1.08 12.50
C VAL B 122 13.21 0.67 12.95
N THR B 123 14.02 1.65 13.22
CA THR B 123 15.36 1.39 13.68
C THR B 123 15.59 2.07 15.00
N ASN B 124 16.13 1.24 15.83
CA ASN B 124 16.50 1.65 17.14
C ASN B 124 17.72 2.55 17.04
N PRO B 125 17.71 3.61 17.82
CA PRO B 125 18.84 4.54 17.89
C PRO B 125 20.11 3.82 18.29
N LYS B 126 20.43 3.85 19.58
CA LYS B 126 21.65 3.18 20.12
C LYS B 126 21.26 2.61 21.49
N GLU B 127 20.22 1.82 21.22
CA GLU B 127 19.31 1.20 22.14
C GLU B 127 18.34 2.29 22.63
N THR C 5 -13.33 -27.24 -16.23
CA THR C 5 -13.11 -26.92 -14.85
C THR C 5 -14.53 -26.64 -14.29
N GLY C 6 -14.63 -25.86 -13.20
CA GLY C 6 -15.82 -25.41 -12.48
C GLY C 6 -15.28 -24.06 -12.05
N GLU C 7 -14.97 -23.76 -10.78
CA GLU C 7 -14.22 -22.55 -10.37
C GLU C 7 -12.70 -22.80 -10.55
N SER C 8 -12.03 -22.69 -9.45
CA SER C 8 -10.56 -22.74 -9.28
C SER C 8 -9.78 -23.94 -9.91
N LYS C 9 -10.20 -25.14 -10.46
CA LYS C 9 -9.20 -26.06 -10.95
C LYS C 9 -8.51 -25.49 -12.20
N CYS C 10 -7.34 -25.00 -11.84
CA CYS C 10 -6.47 -24.27 -12.72
C CYS C 10 -5.24 -24.14 -11.81
N PRO C 11 -4.25 -24.99 -12.12
CA PRO C 11 -2.93 -25.02 -11.50
C PRO C 11 -2.15 -23.72 -11.46
N LEU C 12 -1.78 -23.27 -12.65
CA LEU C 12 -1.08 -22.01 -12.75
C LEU C 12 -2.17 -20.99 -13.01
N MET C 13 -1.91 -19.67 -12.75
CA MET C 13 -2.98 -18.72 -13.08
C MET C 13 -2.51 -17.35 -12.85
N VAL C 14 -2.75 -16.50 -13.84
CA VAL C 14 -2.25 -15.12 -13.77
C VAL C 14 -3.34 -14.09 -13.86
N LYS C 15 -3.08 -13.03 -13.09
CA LYS C 15 -3.97 -11.90 -13.01
C LYS C 15 -3.12 -10.63 -12.95
N VAL C 16 -3.53 -9.62 -13.72
CA VAL C 16 -2.75 -8.40 -13.84
C VAL C 16 -3.67 -7.18 -13.74
N LEU C 17 -3.19 -6.14 -13.04
CA LEU C 17 -4.01 -5.00 -12.78
C LEU C 17 -3.24 -3.73 -13.12
N ASP C 18 -4.00 -2.72 -13.54
CA ASP C 18 -3.41 -1.48 -14.01
C ASP C 18 -3.50 -0.55 -12.82
N ALA C 19 -2.39 -0.38 -12.13
CA ALA C 19 -2.42 0.59 -11.08
C ALA C 19 -2.46 2.07 -11.56
N VAL C 20 -2.43 2.42 -12.90
CA VAL C 20 -2.59 3.80 -13.38
C VAL C 20 -4.00 4.07 -13.81
N ARG C 21 -4.67 3.15 -14.43
CA ARG C 21 -6.04 3.39 -14.92
C ARG C 21 -7.21 2.95 -14.09
N GLY C 22 -6.93 2.34 -12.97
CA GLY C 22 -7.95 1.75 -12.14
C GLY C 22 -8.70 0.52 -12.70
N SER C 23 -8.07 -0.35 -13.49
CA SER C 23 -8.79 -1.48 -14.05
C SER C 23 -7.92 -2.68 -14.34
N PRO C 24 -8.55 -3.80 -14.65
CA PRO C 24 -7.97 -4.99 -15.27
C PRO C 24 -6.98 -4.65 -16.31
N ALA C 25 -5.73 -5.18 -16.37
CA ALA C 25 -4.80 -4.92 -17.50
C ALA C 25 -5.17 -5.90 -18.58
N ILE C 26 -6.17 -5.64 -19.42
CA ILE C 26 -6.55 -6.58 -20.48
C ILE C 26 -5.48 -6.77 -21.62
N ASN C 27 -5.45 -7.99 -22.21
CA ASN C 27 -4.50 -8.39 -23.25
C ASN C 27 -2.98 -8.29 -23.11
N VAL C 28 -2.54 -8.75 -21.95
CA VAL C 28 -1.11 -8.90 -21.70
C VAL C 28 -0.82 -10.35 -22.09
N ALA C 29 0.31 -10.43 -22.82
CA ALA C 29 0.85 -11.69 -23.30
C ALA C 29 1.84 -12.11 -22.25
N VAL C 30 1.26 -13.12 -21.63
CA VAL C 30 1.84 -13.90 -20.55
C VAL C 30 2.32 -15.22 -21.14
N HIS C 31 3.63 -15.33 -21.00
CA HIS C 31 4.40 -16.49 -21.43
C HIS C 31 4.82 -17.17 -20.15
N VAL C 32 4.74 -18.48 -20.16
CA VAL C 32 5.11 -19.28 -19.02
C VAL C 32 6.24 -20.08 -19.62
N PHE C 33 7.35 -19.96 -18.91
CA PHE C 33 8.46 -20.83 -19.17
C PHE C 33 8.55 -21.97 -18.12
N ARG C 34 9.31 -23.01 -18.44
CA ARG C 34 9.65 -24.08 -17.51
C ARG C 34 11.07 -24.48 -17.79
N LYS C 35 11.92 -24.14 -16.87
CA LYS C 35 13.30 -24.53 -17.00
C LYS C 35 13.30 -26.03 -17.15
N ALA C 36 14.23 -26.52 -17.88
CA ALA C 36 14.32 -27.95 -18.06
C ALA C 36 15.59 -28.46 -17.42
N ALA C 37 16.02 -29.53 -17.98
CA ALA C 37 17.15 -30.32 -17.49
C ALA C 37 18.52 -29.61 -17.38
N ASP C 38 18.96 -28.68 -18.25
CA ASP C 38 20.34 -28.19 -18.20
C ASP C 38 20.50 -26.69 -18.26
N ASP C 39 19.52 -25.96 -17.71
CA ASP C 39 19.40 -24.49 -17.72
C ASP C 39 18.93 -23.93 -19.08
N THR C 40 17.94 -24.63 -19.62
CA THR C 40 17.41 -24.24 -20.90
C THR C 40 15.94 -24.04 -20.57
N TRP C 41 15.57 -22.75 -20.59
CA TRP C 41 14.19 -22.35 -20.32
C TRP C 41 13.42 -22.80 -21.53
N GLU C 42 12.81 -23.94 -21.39
CA GLU C 42 12.04 -24.37 -22.52
C GLU C 42 10.81 -23.47 -22.38
N PRO C 43 10.34 -22.93 -23.47
CA PRO C 43 8.91 -22.61 -23.56
C PRO C 43 7.92 -23.65 -23.00
N PHE C 44 7.16 -23.22 -21.97
CA PHE C 44 6.10 -24.03 -21.39
C PHE C 44 4.70 -23.59 -21.92
N ALA C 45 4.06 -22.51 -21.44
CA ALA C 45 2.73 -22.17 -21.93
C ALA C 45 2.63 -20.68 -22.27
N SER C 46 1.55 -20.21 -22.95
CA SER C 46 1.33 -18.78 -23.21
C SER C 46 -0.14 -18.36 -23.32
N GLY C 47 -0.38 -17.04 -23.22
CA GLY C 47 -1.72 -16.49 -23.37
C GLY C 47 -1.89 -14.96 -23.22
N LYS C 48 -3.17 -14.61 -23.22
CA LYS C 48 -3.54 -13.23 -23.16
C LYS C 48 -4.53 -13.17 -22.02
N THR C 49 -4.46 -12.06 -21.30
CA THR C 49 -5.36 -11.81 -20.16
C THR C 49 -6.67 -11.28 -20.74
N SER C 50 -7.73 -11.89 -20.21
CA SER C 50 -9.12 -11.64 -20.61
C SER C 50 -9.71 -10.28 -20.23
N GLU C 51 -11.02 -10.07 -20.42
CA GLU C 51 -11.75 -8.89 -20.02
C GLU C 51 -11.76 -8.59 -18.51
N SER C 52 -11.49 -9.61 -17.67
CA SER C 52 -11.36 -9.45 -16.24
C SER C 52 -9.86 -9.50 -15.93
N GLY C 53 -9.08 -9.37 -16.99
CA GLY C 53 -7.65 -9.37 -16.97
C GLY C 53 -7.11 -10.71 -16.56
N GLU C 54 -7.80 -11.83 -16.77
CA GLU C 54 -7.26 -13.06 -16.24
C GLU C 54 -6.69 -13.92 -17.32
N LEU C 55 -5.48 -14.48 -17.23
CA LEU C 55 -5.12 -15.55 -18.17
C LEU C 55 -5.65 -16.77 -17.44
N HIS C 56 -6.12 -17.87 -18.05
CA HIS C 56 -6.71 -18.97 -17.23
C HIS C 56 -6.65 -20.38 -17.85
N GLY C 57 -6.07 -21.41 -17.23
CA GLY C 57 -5.97 -22.70 -17.91
C GLY C 57 -4.77 -22.67 -18.86
N LEU C 58 -3.64 -22.41 -18.25
CA LEU C 58 -2.37 -22.53 -18.88
C LEU C 58 -1.76 -23.98 -18.91
N THR C 59 -2.28 -24.90 -18.07
CA THR C 59 -1.72 -26.25 -18.01
C THR C 59 -2.64 -27.17 -17.25
N THR C 60 -2.23 -28.42 -17.28
CA THR C 60 -2.94 -29.52 -16.68
C THR C 60 -2.13 -29.95 -15.47
N GLU C 61 -2.82 -30.53 -14.47
CA GLU C 61 -2.14 -31.11 -13.32
C GLU C 61 -1.11 -32.12 -13.87
N GLU C 62 -1.38 -32.91 -14.95
CA GLU C 62 -0.40 -33.91 -15.38
C GLU C 62 0.79 -33.38 -16.19
N GLN C 63 0.70 -32.09 -16.60
CA GLN C 63 1.80 -31.37 -17.26
C GLN C 63 2.57 -30.43 -16.28
N PHE C 64 1.92 -30.00 -15.21
CA PHE C 64 2.57 -29.13 -14.26
C PHE C 64 3.41 -30.07 -13.40
N VAL C 65 4.69 -30.16 -13.84
CA VAL C 65 5.69 -31.02 -13.18
C VAL C 65 6.63 -30.27 -12.27
N GLU C 66 7.21 -30.97 -11.32
CA GLU C 66 8.05 -30.34 -10.32
C GLU C 66 9.23 -29.73 -11.03
N GLY C 67 9.47 -28.47 -10.76
CA GLY C 67 10.62 -27.79 -11.31
C GLY C 67 10.46 -26.28 -11.16
N ILE C 68 11.48 -25.58 -11.62
CA ILE C 68 11.36 -24.16 -11.80
C ILE C 68 10.39 -23.85 -13.00
N TYR C 69 9.49 -22.93 -12.74
CA TYR C 69 8.79 -22.30 -13.84
C TYR C 69 9.12 -20.81 -13.75
N LYS C 70 8.55 -20.12 -14.73
CA LYS C 70 8.71 -18.68 -14.86
C LYS C 70 7.45 -18.10 -15.51
N VAL C 71 6.64 -17.24 -14.87
CA VAL C 71 5.69 -16.57 -15.73
C VAL C 71 6.25 -15.16 -16.03
N GLU C 72 6.15 -14.85 -17.34
CA GLU C 72 6.67 -13.66 -17.99
C GLU C 72 5.53 -12.93 -18.71
N ILE C 73 5.26 -11.81 -18.07
CA ILE C 73 4.25 -10.83 -18.47
C ILE C 73 4.90 -9.76 -19.38
N ASP C 74 4.51 -9.63 -20.66
CA ASP C 74 5.16 -8.64 -21.54
C ASP C 74 4.67 -7.25 -21.13
N THR C 75 5.37 -6.52 -20.24
CA THR C 75 4.76 -5.30 -19.74
C THR C 75 4.97 -4.28 -20.81
N LYS C 76 6.16 -3.75 -21.08
CA LYS C 76 6.36 -2.78 -22.16
C LYS C 76 5.39 -2.83 -23.34
N SER C 77 4.92 -3.92 -23.96
CA SER C 77 3.85 -3.89 -24.94
C SER C 77 2.56 -3.25 -24.42
N TYR C 78 2.08 -3.66 -23.26
CA TYR C 78 0.96 -3.00 -22.59
C TYR C 78 1.16 -1.47 -22.55
N TRP C 79 2.31 -1.06 -22.03
CA TRP C 79 2.62 0.34 -21.90
C TRP C 79 2.92 1.17 -23.18
N LYS C 80 3.40 0.44 -24.20
CA LYS C 80 3.75 0.94 -25.52
C LYS C 80 2.42 1.31 -26.11
N ALA C 81 1.56 0.32 -26.28
CA ALA C 81 0.27 0.62 -26.87
C ALA C 81 -0.70 1.53 -26.10
N LEU C 82 -0.23 2.33 -25.15
CA LEU C 82 -1.02 3.18 -24.30
C LEU C 82 -0.26 4.51 -24.37
N GLY C 83 0.88 4.63 -25.07
CA GLY C 83 1.62 5.89 -25.18
C GLY C 83 2.56 6.23 -24.02
N ILE C 84 2.82 5.35 -23.03
CA ILE C 84 3.81 5.65 -21.99
C ILE C 84 5.11 4.87 -22.25
N SER C 85 6.21 5.65 -22.16
CA SER C 85 7.52 5.07 -22.32
C SER C 85 7.94 4.41 -20.98
N PRO C 86 7.82 3.06 -20.76
CA PRO C 86 7.78 2.46 -19.46
C PRO C 86 9.19 2.26 -19.02
N PHE C 87 9.45 1.99 -17.74
CA PHE C 87 10.81 1.58 -17.35
C PHE C 87 11.14 0.10 -17.55
N HIS C 88 10.14 -0.78 -17.53
CA HIS C 88 10.41 -2.18 -17.41
C HIS C 88 10.22 -3.04 -18.65
N GLU C 89 11.35 -3.73 -18.99
CA GLU C 89 11.42 -4.64 -20.13
C GLU C 89 10.36 -5.72 -20.22
N HIS C 90 9.99 -6.22 -19.03
CA HIS C 90 8.91 -7.17 -18.74
C HIS C 90 9.00 -7.64 -17.28
N ALA C 91 7.99 -8.36 -16.86
CA ALA C 91 7.94 -8.89 -15.49
C ALA C 91 8.05 -10.42 -15.52
N GLU C 92 8.68 -10.96 -14.49
CA GLU C 92 8.85 -12.43 -14.36
C GLU C 92 8.69 -12.92 -12.92
N VAL C 93 7.84 -13.93 -12.76
CA VAL C 93 7.67 -14.61 -11.47
C VAL C 93 8.25 -16.03 -11.62
N VAL C 94 9.55 -16.16 -11.36
CA VAL C 94 10.25 -17.46 -11.44
C VAL C 94 9.97 -18.25 -10.16
N PHE C 95 9.39 -19.42 -10.31
CA PHE C 95 9.05 -20.17 -9.11
C PHE C 95 9.06 -21.69 -9.28
N THR C 96 9.84 -22.27 -8.37
CA THR C 96 9.91 -23.72 -8.20
C THR C 96 8.52 -24.12 -7.77
N ALA C 97 7.91 -24.93 -8.57
CA ALA C 97 6.50 -25.27 -8.35
C ALA C 97 6.29 -26.44 -7.37
N ASN C 98 5.44 -27.24 -7.94
CA ASN C 98 4.78 -28.47 -7.45
C ASN C 98 5.53 -29.41 -6.45
N ASP C 99 6.68 -29.07 -5.90
CA ASP C 99 7.41 -30.04 -5.00
C ASP C 99 6.50 -30.82 -4.01
N SER C 100 5.91 -30.24 -2.96
CA SER C 100 5.03 -30.95 -2.05
C SER C 100 3.61 -31.24 -2.60
N GLY C 101 3.35 -31.33 -3.93
CA GLY C 101 2.00 -31.55 -4.48
C GLY C 101 1.01 -30.35 -4.50
N PRO C 102 1.14 -29.15 -3.79
CA PRO C 102 0.08 -28.16 -3.62
C PRO C 102 -0.01 -27.29 -4.89
N ARG C 103 -0.74 -27.91 -5.82
CA ARG C 103 -0.94 -27.35 -7.13
C ARG C 103 -1.35 -25.95 -7.45
N ARG C 104 -2.15 -25.28 -6.64
CA ARG C 104 -2.75 -24.06 -7.14
C ARG C 104 -1.99 -22.81 -6.77
N TYR C 105 -1.39 -22.35 -7.87
CA TYR C 105 -0.58 -21.15 -7.99
C TYR C 105 -1.42 -20.06 -8.66
N THR C 106 -1.41 -18.85 -8.11
CA THR C 106 -2.10 -17.68 -8.66
C THR C 106 -1.09 -16.61 -8.48
N ILE C 107 -0.65 -16.01 -9.57
CA ILE C 107 0.33 -14.93 -9.59
C ILE C 107 -0.50 -13.69 -9.95
N ALA C 108 -0.83 -12.80 -9.01
CA ALA C 108 -1.46 -11.57 -9.43
C ALA C 108 -0.32 -10.54 -9.49
N ALA C 109 -0.42 -9.53 -10.38
CA ALA C 109 0.61 -8.52 -10.55
C ALA C 109 0.02 -7.11 -10.49
N LEU C 110 0.82 -6.10 -10.18
CA LEU C 110 0.29 -4.76 -10.19
C LEU C 110 1.33 -3.92 -10.88
N LEU C 111 0.83 -3.37 -12.02
CA LEU C 111 1.52 -2.56 -13.04
C LEU C 111 1.31 -1.05 -13.09
N SER C 112 2.42 -0.38 -12.95
CA SER C 112 2.53 1.03 -13.14
C SER C 112 3.68 1.18 -14.18
N PRO C 113 4.01 2.42 -14.69
CA PRO C 113 5.27 2.71 -15.40
C PRO C 113 6.64 2.46 -14.75
N TYR C 114 6.98 2.91 -13.55
CA TYR C 114 8.31 2.64 -13.00
C TYR C 114 8.38 1.82 -11.66
N SER C 115 7.58 0.76 -11.64
CA SER C 115 7.47 -0.12 -10.50
C SER C 115 6.46 -1.13 -10.93
N TYR C 116 6.55 -2.27 -10.33
CA TYR C 116 5.46 -3.21 -10.41
C TYR C 116 5.71 -4.06 -9.16
N SER C 117 4.60 -4.76 -8.83
CA SER C 117 4.49 -5.59 -7.65
C SER C 117 3.88 -6.89 -8.13
N THR C 118 4.12 -7.99 -7.42
CA THR C 118 3.45 -9.27 -7.69
C THR C 118 3.45 -10.06 -6.39
N THR C 119 2.43 -10.92 -6.37
CA THR C 119 2.11 -11.73 -5.23
C THR C 119 1.62 -13.03 -5.79
N ALA C 120 2.12 -13.98 -4.99
CA ALA C 120 1.91 -15.39 -5.12
C ALA C 120 0.90 -15.86 -4.12
N VAL C 121 -0.06 -16.65 -4.54
CA VAL C 121 -0.99 -17.21 -3.60
C VAL C 121 -0.91 -18.67 -3.95
N VAL C 122 -0.41 -19.48 -3.05
CA VAL C 122 -0.32 -20.87 -3.39
C VAL C 122 -1.31 -21.50 -2.44
N THR C 123 -2.40 -22.08 -2.96
CA THR C 123 -3.34 -22.83 -2.14
C THR C 123 -3.30 -24.29 -2.50
N ASN C 124 -3.30 -25.09 -1.45
CA ASN C 124 -3.24 -26.54 -1.61
C ASN C 124 -4.57 -27.12 -2.12
N PRO C 125 -4.58 -27.98 -3.16
CA PRO C 125 -5.75 -28.65 -3.68
C PRO C 125 -6.70 -29.25 -2.67
N LYS C 126 -6.47 -30.42 -2.05
CA LYS C 126 -7.35 -31.06 -1.02
C LYS C 126 -6.45 -32.14 -0.41
N GLU C 127 -5.39 -31.48 0.05
CA GLU C 127 -4.12 -31.98 0.49
C GLU C 127 -3.38 -32.39 -0.73
N SER D 8 31.30 13.37 -7.79
CA SER D 8 30.40 12.85 -6.77
C SER D 8 29.16 12.27 -7.44
N LYS D 9 28.94 10.95 -7.41
CA LYS D 9 27.95 10.32 -8.27
C LYS D 9 27.55 8.94 -7.73
N CYS D 10 26.96 8.05 -8.55
CA CYS D 10 26.67 6.61 -8.32
C CYS D 10 25.72 6.44 -9.49
N PRO D 11 26.16 6.06 -10.65
CA PRO D 11 25.23 5.81 -11.76
C PRO D 11 24.17 4.76 -11.50
N LEU D 12 24.63 3.55 -11.15
CA LEU D 12 23.71 2.50 -10.75
C LEU D 12 23.74 2.65 -9.26
N MET D 13 22.75 2.10 -8.54
CA MET D 13 22.63 2.20 -7.09
C MET D 13 21.46 1.36 -6.54
N VAL D 14 21.65 0.43 -5.58
CA VAL D 14 20.55 -0.49 -5.23
C VAL D 14 20.27 -0.39 -3.77
N LYS D 15 18.99 -0.38 -3.40
CA LYS D 15 18.57 -0.29 -2.03
C LYS D 15 17.59 -1.46 -1.82
N VAL D 16 17.74 -2.20 -0.75
CA VAL D 16 16.81 -3.33 -0.52
C VAL D 16 16.20 -3.21 0.88
N LEU D 17 14.99 -3.73 1.04
CA LEU D 17 14.31 -3.60 2.35
C LEU D 17 13.47 -4.83 2.73
N ASP D 18 13.63 -5.23 4.00
CA ASP D 18 12.87 -6.34 4.58
C ASP D 18 11.56 -5.79 5.11
N ALA D 19 10.52 -6.28 4.51
CA ALA D 19 9.18 -5.88 4.86
C ALA D 19 8.70 -6.67 6.08
N VAL D 20 9.23 -7.86 6.29
CA VAL D 20 8.77 -8.69 7.43
C VAL D 20 9.33 -8.22 8.78
N ARG D 21 10.59 -7.84 8.77
CA ARG D 21 11.28 -7.45 10.01
C ARG D 21 11.57 -5.95 10.07
N GLY D 22 10.77 -5.19 9.33
CA GLY D 22 10.88 -3.72 9.24
C GLY D 22 12.34 -3.22 9.29
N SER D 23 13.21 -3.77 8.45
CA SER D 23 14.65 -3.40 8.49
C SER D 23 15.32 -3.55 7.11
N PRO D 24 16.45 -2.86 6.82
CA PRO D 24 17.16 -3.05 5.56
C PRO D 24 17.51 -4.51 5.37
N ALA D 25 17.56 -4.92 4.10
CA ALA D 25 17.90 -6.30 3.75
C ALA D 25 19.39 -6.39 3.64
N ILE D 26 20.01 -6.67 4.76
CA ILE D 26 21.46 -6.68 4.80
C ILE D 26 22.04 -7.96 4.18
N ASN D 27 23.12 -7.68 3.49
CA ASN D 27 24.01 -8.66 2.86
C ASN D 27 23.37 -9.47 1.74
N VAL D 28 22.53 -8.84 0.96
CA VAL D 28 21.96 -9.51 -0.20
C VAL D 28 22.95 -9.42 -1.34
N ALA D 29 23.02 -10.51 -2.04
CA ALA D 29 23.89 -10.68 -3.18
C ALA D 29 23.19 -10.20 -4.43
N VAL D 30 23.57 -9.00 -4.81
CA VAL D 30 23.09 -8.37 -6.03
C VAL D 30 24.09 -8.68 -7.12
N HIS D 31 23.54 -8.87 -8.27
CA HIS D 31 24.31 -9.24 -9.43
C HIS D 31 23.79 -8.53 -10.67
N VAL D 32 24.54 -7.55 -11.10
CA VAL D 32 24.18 -6.79 -12.29
C VAL D 32 24.79 -7.46 -13.51
N PHE D 33 23.95 -7.64 -14.51
CA PHE D 33 24.38 -8.15 -15.79
C PHE D 33 24.19 -7.06 -16.84
N ARG D 34 24.74 -7.36 -17.97
CA ARG D 34 24.64 -6.50 -19.14
C ARG D 34 24.46 -7.39 -20.34
N LYS D 35 23.26 -7.44 -20.86
CA LYS D 35 23.11 -8.18 -22.09
C LYS D 35 23.96 -7.48 -23.10
N ALA D 36 24.61 -8.26 -23.92
CA ALA D 36 25.48 -7.69 -24.92
C ALA D 36 24.93 -8.00 -26.30
N ALA D 37 25.87 -8.07 -27.20
CA ALA D 37 25.64 -8.25 -28.64
C ALA D 37 24.55 -9.27 -29.04
N ASP D 38 24.70 -10.53 -28.67
CA ASP D 38 23.79 -11.57 -29.22
C ASP D 38 22.95 -12.32 -28.18
N ASP D 39 22.28 -11.52 -27.38
CA ASP D 39 21.33 -11.99 -26.36
C ASP D 39 22.00 -12.84 -25.30
N THR D 40 23.28 -12.71 -25.23
CA THR D 40 24.04 -13.38 -24.21
C THR D 40 24.13 -12.38 -23.07
N TRP D 41 23.56 -12.71 -21.93
CA TRP D 41 23.62 -11.82 -20.78
C TRP D 41 25.02 -11.86 -20.22
N GLU D 42 25.86 -11.00 -20.72
CA GLU D 42 27.25 -11.00 -20.27
C GLU D 42 27.36 -10.38 -18.88
N PRO D 43 27.95 -11.04 -17.88
CA PRO D 43 28.21 -10.38 -16.61
C PRO D 43 28.94 -9.02 -16.69
N PHE D 44 28.25 -8.14 -15.92
CA PHE D 44 28.56 -6.71 -15.67
C PHE D 44 29.14 -6.53 -14.22
N ALA D 45 28.30 -6.52 -13.13
CA ALA D 45 28.87 -6.26 -11.75
C ALA D 45 28.07 -6.90 -10.57
N SER D 46 28.74 -7.04 -9.40
CA SER D 46 28.14 -7.68 -8.18
C SER D 46 28.52 -7.00 -6.87
N GLY D 47 27.68 -7.23 -5.84
CA GLY D 47 27.90 -6.68 -4.48
C GLY D 47 26.87 -7.18 -3.45
N LYS D 48 27.27 -7.03 -2.19
CA LYS D 48 26.41 -7.39 -1.02
C LYS D 48 25.95 -6.09 -0.35
N THR D 49 24.67 -6.02 -0.04
CA THR D 49 24.08 -4.78 0.52
C THR D 49 24.54 -4.51 1.97
N SER D 50 24.99 -3.27 2.16
CA SER D 50 25.57 -2.77 3.42
C SER D 50 24.61 -2.85 4.61
N GLU D 51 25.11 -2.27 5.72
CA GLU D 51 24.39 -2.17 7.00
C GLU D 51 23.16 -1.29 6.84
N SER D 52 23.28 -0.33 5.91
CA SER D 52 22.21 0.64 5.62
C SER D 52 21.27 0.11 4.51
N GLY D 53 21.67 -0.98 3.90
CA GLY D 53 20.88 -1.67 2.86
C GLY D 53 21.23 -1.17 1.45
N GLU D 54 22.46 -0.74 1.21
CA GLU D 54 22.81 -0.25 -0.13
C GLU D 54 24.08 -0.82 -0.75
N LEU D 55 23.89 -1.36 -1.92
CA LEU D 55 24.99 -1.74 -2.78
C LEU D 55 25.36 -0.42 -3.45
N HIS D 56 26.62 -0.16 -3.66
CA HIS D 56 27.02 1.13 -4.25
C HIS D 56 28.21 0.96 -5.20
N GLY D 57 28.45 2.02 -5.95
CA GLY D 57 29.59 2.16 -6.89
C GLY D 57 29.73 0.99 -7.89
N LEU D 58 28.66 0.31 -8.18
CA LEU D 58 28.70 -0.86 -9.10
C LEU D 58 29.24 -0.59 -10.51
N THR D 59 29.60 0.64 -10.81
CA THR D 59 30.14 0.99 -12.16
C THR D 59 30.52 2.46 -12.22
N THR D 60 31.11 2.79 -13.33
CA THR D 60 31.47 4.18 -13.63
C THR D 60 30.62 4.61 -14.81
N GLU D 61 30.58 5.90 -14.97
CA GLU D 61 29.84 6.52 -16.06
C GLU D 61 30.37 6.01 -17.41
N GLU D 62 31.69 5.98 -17.57
CA GLU D 62 32.30 5.54 -18.85
C GLU D 62 32.27 4.00 -18.97
N GLN D 63 31.63 3.35 -17.99
CA GLN D 63 31.43 1.88 -18.00
C GLN D 63 29.94 1.59 -18.25
N PHE D 64 29.13 2.59 -17.91
CA PHE D 64 27.67 2.58 -18.19
C PHE D 64 27.55 3.03 -19.65
N VAL D 65 27.22 2.06 -20.51
CA VAL D 65 27.18 2.30 -21.96
C VAL D 65 25.82 2.74 -22.49
N GLU D 66 24.80 1.89 -22.40
CA GLU D 66 23.51 2.28 -22.99
C GLU D 66 22.30 1.49 -22.50
N GLY D 67 21.99 0.36 -23.15
CA GLY D 67 20.72 -0.35 -22.82
C GLY D 67 20.77 -1.88 -22.77
N ILE D 68 19.82 -2.30 -21.93
CA ILE D 68 19.44 -3.68 -21.56
C ILE D 68 20.33 -4.18 -20.42
N TYR D 69 20.16 -3.55 -19.29
CA TYR D 69 20.88 -3.93 -18.07
C TYR D 69 19.96 -4.78 -17.22
N LYS D 70 20.55 -5.32 -16.20
CA LYS D 70 19.83 -6.18 -15.28
C LYS D 70 20.51 -6.19 -13.94
N VAL D 71 19.70 -6.07 -12.94
CA VAL D 71 20.16 -6.26 -11.59
C VAL D 71 19.34 -7.44 -11.11
N GLU D 72 20.05 -8.39 -10.57
CA GLU D 72 19.45 -9.59 -10.00
C GLU D 72 19.85 -9.69 -8.55
N ILE D 73 18.84 -9.70 -7.72
CA ILE D 73 19.03 -9.78 -6.30
C ILE D 73 18.69 -11.22 -5.87
N ASP D 74 19.57 -11.74 -5.05
CA ASP D 74 19.48 -13.10 -4.52
C ASP D 74 18.59 -13.08 -3.27
N THR D 75 17.27 -13.06 -3.48
CA THR D 75 16.33 -13.03 -2.34
C THR D 75 16.37 -14.37 -1.60
N LYS D 76 16.17 -15.44 -2.36
CA LYS D 76 16.17 -16.82 -1.81
C LYS D 76 17.25 -16.94 -0.72
N SER D 77 18.47 -16.50 -1.02
CA SER D 77 19.57 -16.62 -0.03
C SER D 77 19.23 -15.87 1.29
N TYR D 78 18.52 -14.76 1.16
CA TYR D 78 18.12 -13.93 2.31
C TYR D 78 17.10 -14.68 3.21
N TRP D 79 16.10 -15.23 2.55
CA TRP D 79 14.99 -15.93 3.24
C TRP D 79 15.42 -17.28 3.80
N LYS D 80 16.24 -17.99 3.05
CA LYS D 80 16.81 -19.25 3.52
C LYS D 80 17.55 -18.96 4.81
N ALA D 81 18.48 -18.02 4.70
CA ALA D 81 19.34 -17.64 5.84
C ALA D 81 18.59 -16.84 6.92
N LEU D 82 17.32 -17.17 7.07
CA LEU D 82 16.42 -16.57 8.08
C LEU D 82 15.44 -17.65 8.53
N GLY D 83 15.39 -18.69 7.72
CA GLY D 83 14.59 -19.86 8.04
C GLY D 83 13.18 -19.82 7.44
N ILE D 84 12.88 -18.89 6.55
CA ILE D 84 11.56 -19.00 5.90
C ILE D 84 11.75 -19.48 4.47
N SER D 85 10.84 -20.36 4.13
CA SER D 85 10.71 -20.93 2.81
C SER D 85 10.10 -19.84 1.93
N PRO D 86 10.88 -19.10 1.12
CA PRO D 86 10.34 -18.03 0.28
C PRO D 86 9.54 -18.57 -0.86
N PHE D 87 8.97 -17.65 -1.64
CA PHE D 87 8.32 -18.04 -2.90
C PHE D 87 9.17 -17.55 -4.05
N HIS D 88 10.22 -16.77 -3.78
CA HIS D 88 10.98 -16.24 -4.92
C HIS D 88 12.45 -16.63 -4.93
N GLU D 89 12.71 -17.26 -6.06
CA GLU D 89 14.02 -17.76 -6.47
C GLU D 89 15.05 -16.61 -6.48
N HIS D 90 14.58 -15.40 -6.81
CA HIS D 90 15.43 -14.15 -6.84
C HIS D 90 14.69 -13.02 -7.60
N ALA D 91 15.18 -11.80 -7.43
CA ALA D 91 14.52 -10.59 -8.00
C ALA D 91 15.31 -10.01 -9.19
N GLU D 92 14.59 -9.59 -10.23
CA GLU D 92 15.22 -8.97 -11.41
C GLU D 92 14.53 -7.63 -11.72
N VAL D 93 15.36 -6.72 -12.22
CA VAL D 93 14.93 -5.36 -12.60
C VAL D 93 15.49 -5.08 -14.00
N VAL D 94 14.95 -5.76 -15.01
CA VAL D 94 15.51 -5.59 -16.36
C VAL D 94 15.19 -4.20 -16.93
N PHE D 95 16.25 -3.41 -17.10
CA PHE D 95 16.08 -2.04 -17.59
C PHE D 95 17.19 -1.55 -18.54
N THR D 96 16.71 -0.98 -19.65
CA THR D 96 17.53 -0.30 -20.66
C THR D 96 17.86 1.08 -20.07
N ALA D 97 19.02 1.16 -19.41
CA ALA D 97 19.40 2.37 -18.63
C ALA D 97 20.69 3.08 -19.10
N ASN D 98 20.49 4.15 -19.87
CA ASN D 98 21.61 5.01 -20.38
C ASN D 98 21.18 5.88 -21.59
N ASP D 99 20.20 5.40 -22.34
CA ASP D 99 19.69 6.03 -23.59
C ASP D 99 19.90 7.57 -23.68
N SER D 100 18.95 8.30 -23.13
CA SER D 100 18.91 9.79 -23.18
C SER D 100 19.94 10.45 -22.24
N GLY D 101 20.88 9.65 -21.79
CA GLY D 101 22.02 10.13 -20.97
C GLY D 101 21.71 10.28 -19.45
N PRO D 102 20.45 10.32 -18.94
CA PRO D 102 20.22 10.49 -17.49
C PRO D 102 20.76 9.29 -16.76
N ARG D 103 21.97 9.45 -16.25
CA ARG D 103 22.74 8.36 -15.63
C ARG D 103 22.21 7.80 -14.30
N ARG D 104 21.66 8.62 -13.44
CA ARG D 104 21.34 8.16 -12.07
C ARG D 104 20.09 7.31 -11.98
N TYR D 105 20.42 6.06 -11.74
CA TYR D 105 19.48 4.99 -11.51
C TYR D 105 19.67 4.55 -10.07
N THR D 106 18.55 4.34 -9.48
CA THR D 106 18.45 3.89 -8.11
C THR D 106 17.29 2.92 -8.08
N ILE D 107 17.60 1.66 -7.94
CA ILE D 107 16.53 0.67 -7.83
C ILE D 107 16.38 0.33 -6.37
N ALA D 108 15.19 0.43 -5.86
CA ALA D 108 14.93 0.01 -4.49
C ALA D 108 13.99 -1.17 -4.60
N ALA D 109 14.02 -2.01 -3.62
CA ALA D 109 13.15 -3.18 -3.62
C ALA D 109 12.58 -3.37 -2.24
N LEU D 110 11.47 -4.04 -2.20
CA LEU D 110 10.84 -4.44 -0.94
C LEU D 110 10.57 -5.90 -1.14
N LEU D 111 10.88 -6.60 -0.05
CA LEU D 111 10.82 -8.03 -0.04
C LEU D 111 10.18 -8.45 1.24
N SER D 112 9.34 -9.43 0.93
CA SER D 112 8.63 -10.25 1.87
C SER D 112 8.61 -11.69 1.28
N PRO D 113 8.54 -12.87 2.01
CA PRO D 113 8.37 -14.22 1.46
C PRO D 113 7.62 -14.49 0.17
N TYR D 114 6.37 -14.07 -0.03
CA TYR D 114 5.64 -14.35 -1.28
C TYR D 114 5.27 -13.14 -2.15
N SER D 115 5.96 -12.02 -1.91
CA SER D 115 5.73 -10.83 -2.70
C SER D 115 6.91 -9.87 -2.57
N TYR D 116 7.11 -9.24 -3.72
CA TYR D 116 8.06 -8.17 -3.77
C TYR D 116 7.58 -7.22 -4.86
N SER D 117 8.13 -6.02 -4.65
CA SER D 117 7.87 -4.89 -5.48
C SER D 117 9.12 -4.02 -5.43
N THR D 118 9.40 -3.47 -6.60
CA THR D 118 10.56 -2.67 -6.80
C THR D 118 10.13 -1.50 -7.72
N THR D 119 10.98 -0.46 -7.66
CA THR D 119 10.77 0.89 -8.19
C THR D 119 12.10 1.41 -8.70
N ALA D 120 11.98 2.30 -9.69
CA ALA D 120 13.11 3.01 -10.30
C ALA D 120 12.99 4.47 -9.92
N VAL D 121 14.09 5.16 -9.71
CA VAL D 121 14.12 6.57 -9.33
C VAL D 121 15.19 7.00 -10.32
N VAL D 122 14.89 7.21 -11.61
CA VAL D 122 15.96 7.63 -12.52
C VAL D 122 16.11 9.15 -12.52
N THR D 123 17.16 9.71 -11.93
CA THR D 123 17.31 11.14 -12.02
C THR D 123 18.44 11.56 -12.92
N ASN D 124 18.06 12.59 -13.69
CA ASN D 124 19.00 13.20 -14.58
C ASN D 124 20.13 13.82 -13.78
N PRO D 125 21.38 13.50 -14.18
CA PRO D 125 22.58 14.16 -13.71
C PRO D 125 22.53 15.68 -13.69
N LYS D 126 23.10 16.33 -14.72
CA LYS D 126 23.19 17.79 -14.85
C LYS D 126 23.10 17.98 -16.36
N GLU D 127 21.96 17.45 -16.75
CA GLU D 127 21.44 17.17 -18.05
C GLU D 127 22.06 16.04 -18.78
N GLU E 1 -12.46 52.03 -22.08
CA GLU E 1 -12.80 50.89 -21.29
C GLU E 1 -13.72 50.04 -22.08
N ARG E 2 -13.79 48.91 -21.41
CA ARG E 2 -14.69 47.81 -21.64
C ARG E 2 -14.97 47.43 -20.20
N ASP E 3 -15.98 46.62 -20.06
CA ASP E 3 -16.47 46.19 -18.78
C ASP E 3 -16.27 44.72 -18.95
N CYS E 4 -15.36 44.20 -18.16
CA CYS E 4 -15.04 42.79 -18.28
C CYS E 4 -15.44 42.14 -16.98
N ARG E 5 -16.59 42.50 -16.46
CA ARG E 5 -17.01 41.90 -15.24
C ARG E 5 -17.84 40.76 -15.79
N VAL E 6 -17.61 39.55 -15.31
CA VAL E 6 -18.39 38.43 -15.76
C VAL E 6 -19.87 38.71 -15.55
N SER E 7 -20.20 39.58 -14.60
CA SER E 7 -21.57 39.97 -14.36
C SER E 7 -22.16 40.81 -15.51
N SER E 8 -21.46 41.44 -16.47
CA SER E 8 -22.14 42.24 -17.50
C SER E 8 -22.21 41.71 -18.92
N PHE E 9 -21.96 40.40 -19.01
CA PHE E 9 -21.80 39.69 -20.26
C PHE E 9 -23.11 39.26 -20.83
N ARG E 10 -23.51 39.72 -21.97
CA ARG E 10 -24.83 39.36 -22.53
C ARG E 10 -24.79 37.95 -23.16
N VAL E 11 -25.62 37.01 -22.76
CA VAL E 11 -25.58 35.71 -23.39
C VAL E 11 -26.82 35.57 -24.29
N LYS E 12 -27.01 34.37 -24.80
CA LYS E 12 -28.08 34.07 -25.76
C LYS E 12 -29.50 34.27 -25.20
N GLU E 13 -30.23 35.09 -25.93
CA GLU E 13 -31.64 35.32 -25.64
C GLU E 13 -32.40 34.12 -26.13
N ASN E 14 -33.26 33.66 -25.26
CA ASN E 14 -34.22 32.61 -25.59
C ASN E 14 -33.63 31.32 -26.16
N PHE E 15 -32.53 30.90 -25.63
CA PHE E 15 -31.84 29.67 -26.07
C PHE E 15 -32.79 28.51 -26.21
N ASP E 16 -32.89 27.94 -27.39
CA ASP E 16 -33.66 26.70 -27.55
C ASP E 16 -32.72 25.49 -27.49
N LYS E 17 -32.77 24.78 -26.38
CA LYS E 17 -31.92 23.62 -26.06
C LYS E 17 -32.09 22.66 -27.19
N ALA E 18 -33.30 22.46 -27.75
CA ALA E 18 -33.59 21.49 -28.81
C ALA E 18 -33.39 22.09 -30.18
N ARG E 19 -32.46 23.03 -30.21
CA ARG E 19 -32.03 23.68 -31.40
C ARG E 19 -30.54 23.88 -31.25
N PHE E 20 -29.87 23.58 -30.12
CA PHE E 20 -28.41 23.58 -30.01
C PHE E 20 -27.99 22.11 -30.19
N ALA E 21 -28.83 21.13 -29.84
CA ALA E 21 -28.61 19.68 -29.97
C ALA E 21 -27.72 19.28 -31.11
N GLY E 22 -26.69 18.42 -31.04
CA GLY E 22 -25.97 17.98 -32.24
C GLY E 22 -24.45 18.09 -32.10
N THR E 23 -23.74 17.65 -33.11
CA THR E 23 -22.31 17.70 -33.12
C THR E 23 -21.79 19.15 -33.35
N TRP E 24 -20.89 19.71 -32.54
CA TRP E 24 -20.28 20.95 -32.84
C TRP E 24 -18.82 20.68 -32.89
N TYR E 25 -18.10 21.06 -33.93
CA TYR E 25 -16.67 20.93 -33.93
C TYR E 25 -16.00 22.13 -33.22
N ALA E 26 -15.05 21.97 -32.27
CA ALA E 26 -14.32 23.06 -31.65
C ALA E 26 -13.43 23.66 -32.70
N MET E 27 -13.18 24.96 -32.69
CA MET E 27 -12.42 25.65 -33.70
C MET E 27 -11.34 26.45 -33.05
N ALA E 28 -11.59 27.32 -32.10
CA ALA E 28 -10.52 27.99 -31.40
C ALA E 28 -10.87 27.87 -29.92
N LYS E 29 -9.95 27.70 -28.98
CA LYS E 29 -10.30 27.57 -27.61
C LYS E 29 -9.44 28.55 -26.86
N LYS E 30 -9.98 29.09 -25.77
CA LYS E 30 -9.20 29.91 -24.87
C LYS E 30 -8.82 29.04 -23.66
N ASP E 31 -7.55 28.88 -23.33
CA ASP E 31 -7.18 27.97 -22.27
C ASP E 31 -7.37 28.51 -20.85
N PRO E 32 -7.85 27.73 -19.90
CA PRO E 32 -7.83 28.06 -18.51
C PRO E 32 -6.45 27.71 -18.04
N GLU E 33 -6.27 27.93 -16.73
CA GLU E 33 -5.04 27.62 -16.01
C GLU E 33 -5.24 26.13 -15.79
N GLY E 34 -4.24 25.23 -15.89
CA GLY E 34 -4.65 23.83 -15.71
C GLY E 34 -4.68 22.96 -16.97
N LEU E 35 -5.30 21.80 -16.90
CA LEU E 35 -5.01 20.89 -17.98
C LEU E 35 -6.27 20.93 -18.75
N PHE E 36 -6.08 21.27 -20.00
CA PHE E 36 -7.24 21.27 -20.83
C PHE E 36 -6.92 20.45 -22.07
N LEU E 37 -8.01 20.25 -22.81
CA LEU E 37 -8.02 19.53 -24.05
C LEU E 37 -7.04 20.29 -24.96
N GLN E 38 -5.95 19.66 -25.36
CA GLN E 38 -5.01 20.29 -26.26
C GLN E 38 -5.54 20.48 -27.73
N ASP E 39 -6.30 19.58 -28.40
CA ASP E 39 -6.79 19.77 -29.76
C ASP E 39 -7.71 18.62 -30.15
N ASN E 40 -8.19 18.44 -31.37
CA ASN E 40 -9.16 17.43 -31.73
C ASN E 40 -10.49 17.36 -30.99
N ILE E 41 -10.93 18.42 -30.28
CA ILE E 41 -12.27 18.51 -29.59
C ILE E 41 -13.57 18.51 -30.44
N VAL E 42 -14.55 17.66 -30.13
CA VAL E 42 -15.79 17.53 -30.88
C VAL E 42 -16.82 17.33 -29.83
N ALA E 43 -17.88 18.11 -29.74
CA ALA E 43 -18.80 18.01 -28.63
C ALA E 43 -20.05 17.48 -29.20
N GLU E 44 -20.84 16.70 -28.51
CA GLU E 44 -22.04 16.22 -29.12
C GLU E 44 -23.12 16.42 -28.10
N PHE E 45 -24.04 17.41 -28.28
CA PHE E 45 -25.07 17.83 -27.28
C PHE E 45 -26.42 17.22 -27.51
N SER E 46 -27.14 16.60 -26.60
CA SER E 46 -28.42 16.00 -26.93
C SER E 46 -29.28 16.43 -25.80
N VAL E 47 -30.58 16.74 -26.00
CA VAL E 47 -31.55 17.14 -24.95
C VAL E 47 -32.55 15.97 -24.90
N ASP E 48 -32.86 15.42 -23.73
CA ASP E 48 -33.68 14.22 -23.62
C ASP E 48 -35.13 14.56 -23.33
N GLU E 49 -36.13 13.68 -23.47
CA GLU E 49 -37.53 14.04 -23.21
C GLU E 49 -37.84 14.93 -22.01
N ASN E 50 -37.24 14.70 -20.81
CA ASN E 50 -37.47 15.52 -19.62
C ASN E 50 -36.58 16.77 -19.67
N GLY E 51 -36.76 17.52 -20.75
CA GLY E 51 -36.03 18.72 -21.10
C GLY E 51 -34.50 18.78 -20.87
N HIS E 52 -33.74 17.90 -20.14
CA HIS E 52 -32.35 18.14 -19.80
C HIS E 52 -31.40 18.13 -20.97
N MET E 53 -30.27 18.79 -20.82
CA MET E 53 -29.30 18.75 -21.88
C MET E 53 -28.08 17.95 -21.36
N SER E 54 -27.48 17.15 -22.24
CA SER E 54 -26.33 16.35 -21.87
C SER E 54 -25.29 16.50 -22.97
N ALA E 55 -23.99 16.54 -22.65
CA ALA E 55 -23.05 16.62 -23.73
C ALA E 55 -22.04 15.50 -23.67
N THR E 56 -21.49 14.89 -24.71
CA THR E 56 -20.34 14.01 -24.54
C THR E 56 -19.22 14.62 -25.39
N ALA E 57 -17.95 14.47 -25.10
CA ALA E 57 -17.00 15.15 -25.93
C ALA E 57 -15.71 14.36 -25.90
N LYS E 58 -15.04 14.22 -27.06
CA LYS E 58 -13.81 13.53 -27.37
C LYS E 58 -12.75 14.61 -27.48
N GLY E 59 -11.50 14.39 -27.11
CA GLY E 59 -10.42 15.33 -27.38
C GLY E 59 -9.06 14.89 -26.84
N ARG E 60 -8.00 15.34 -27.42
CA ARG E 60 -6.68 14.95 -27.00
C ARG E 60 -6.16 15.84 -25.85
N VAL E 61 -5.63 15.22 -24.77
CA VAL E 61 -4.96 15.79 -23.62
C VAL E 61 -3.69 14.98 -23.29
N ARG E 62 -2.60 15.72 -23.26
CA ARG E 62 -1.28 15.16 -22.98
C ARG E 62 -1.08 15.03 -21.48
N LEU E 63 -1.59 13.92 -20.95
CA LEU E 63 -1.46 13.61 -19.53
C LEU E 63 0.03 13.60 -19.19
N LEU E 64 0.32 14.50 -18.28
CA LEU E 64 1.66 14.86 -17.78
C LEU E 64 2.80 13.89 -18.13
N ASN E 65 2.94 12.74 -17.48
CA ASN E 65 4.10 11.87 -17.80
C ASN E 65 4.23 11.76 -19.33
N ASN E 66 3.40 12.59 -19.95
CA ASN E 66 3.37 12.82 -21.42
C ASN E 66 2.79 11.65 -22.22
N TRP E 67 1.61 11.11 -21.93
CA TRP E 67 1.20 10.04 -22.86
C TRP E 67 0.62 10.56 -24.16
N ASP E 68 -0.48 11.28 -23.99
CA ASP E 68 -1.33 11.80 -25.09
C ASP E 68 -2.08 10.60 -25.67
N VAL E 69 -3.21 10.34 -25.06
CA VAL E 69 -4.74 10.34 -24.33
C VAL E 69 -5.91 10.93 -25.09
N CYS E 70 -6.76 10.26 -25.88
CA CYS E 70 -7.99 10.91 -26.37
C CYS E 70 -8.96 10.62 -25.29
N ALA E 71 -9.37 11.67 -24.63
CA ALA E 71 -10.40 11.62 -23.59
C ALA E 71 -11.90 11.85 -23.92
N ASP E 72 -12.78 10.84 -23.90
CA ASP E 72 -14.19 11.10 -24.01
C ASP E 72 -14.63 11.46 -22.59
N MET E 73 -15.17 12.68 -22.43
CA MET E 73 -15.86 13.16 -21.24
C MET E 73 -17.32 13.02 -21.54
N VAL E 74 -18.11 13.23 -20.49
CA VAL E 74 -19.58 13.19 -20.46
C VAL E 74 -19.92 14.46 -19.67
N GLY E 75 -21.01 15.16 -19.91
CA GLY E 75 -21.36 16.30 -19.09
C GLY E 75 -22.87 16.18 -18.87
N THR E 76 -23.40 16.57 -17.72
CA THR E 76 -24.83 16.65 -17.56
C THR E 76 -24.99 18.01 -16.94
N PHE E 77 -25.80 18.80 -17.71
CA PHE E 77 -26.14 20.21 -17.49
C PHE E 77 -27.24 20.62 -16.50
N THR E 78 -27.07 21.38 -15.42
CA THR E 78 -28.24 21.87 -14.71
C THR E 78 -28.55 23.33 -15.10
N ASP E 79 -29.85 23.60 -15.39
CA ASP E 79 -30.34 24.88 -15.91
C ASP E 79 -30.18 25.98 -14.89
N THR E 80 -30.33 27.26 -15.18
CA THR E 80 -30.42 28.25 -14.14
C THR E 80 -31.60 29.14 -14.58
N GLU E 81 -31.72 30.34 -14.03
CA GLU E 81 -32.90 31.14 -14.31
C GLU E 81 -32.70 31.64 -15.70
N ASP E 82 -31.47 31.75 -16.20
CA ASP E 82 -31.26 32.23 -17.55
C ASP E 82 -31.30 30.96 -18.35
N PRO E 83 -31.94 30.94 -19.51
CA PRO E 83 -31.94 29.78 -20.40
C PRO E 83 -30.64 29.55 -21.16
N ALA E 84 -29.69 30.47 -21.13
CA ALA E 84 -28.43 30.35 -21.83
C ALA E 84 -27.22 30.09 -20.94
N LYS E 85 -27.47 29.91 -19.63
CA LYS E 85 -26.43 29.66 -18.63
C LYS E 85 -26.77 28.49 -17.71
N PHE E 86 -25.79 27.61 -17.57
CA PHE E 86 -25.96 26.36 -16.86
C PHE E 86 -24.70 26.04 -16.08
N LYS E 87 -24.86 24.97 -15.25
CA LYS E 87 -23.71 24.31 -14.64
C LYS E 87 -23.61 22.92 -15.24
N MET E 88 -22.36 22.65 -15.49
CA MET E 88 -21.93 21.43 -16.09
C MET E 88 -21.34 20.39 -15.12
N LYS E 89 -21.72 19.12 -14.85
CA LYS E 89 -20.84 18.26 -14.05
C LYS E 89 -20.12 17.41 -15.07
N TYR E 90 -18.78 17.49 -15.20
CA TYR E 90 -18.13 16.62 -16.13
C TYR E 90 -17.33 15.47 -15.54
N TRP E 91 -17.01 14.47 -16.35
CA TRP E 91 -16.23 13.32 -15.92
C TRP E 91 -15.85 12.49 -17.14
N GLY E 92 -15.02 11.48 -16.92
CA GLY E 92 -14.55 10.74 -18.05
C GLY E 92 -15.09 9.35 -18.01
N VAL E 93 -15.16 8.73 -19.20
CA VAL E 93 -15.57 7.34 -19.36
C VAL E 93 -14.60 6.48 -18.63
N ALA E 94 -13.36 6.95 -18.40
CA ALA E 94 -12.30 6.23 -17.70
C ALA E 94 -12.23 6.92 -16.33
N SER E 95 -12.19 6.27 -15.15
CA SER E 95 -12.23 7.01 -13.91
C SER E 95 -11.02 7.89 -13.69
N PHE E 96 -9.89 7.73 -14.36
CA PHE E 96 -8.79 8.65 -14.08
C PHE E 96 -8.93 10.00 -14.78
N LEU E 97 -9.99 10.31 -15.55
CA LEU E 97 -10.07 11.62 -16.19
C LEU E 97 -10.85 12.61 -15.31
N GLN E 98 -10.49 13.86 -15.53
CA GLN E 98 -10.98 15.04 -14.78
C GLN E 98 -12.52 15.16 -14.75
N LYS E 99 -12.97 14.84 -13.52
CA LYS E 99 -14.36 15.50 -13.06
C LYS E 99 -14.56 16.91 -12.52
N GLY E 100 -15.65 17.65 -12.74
CA GLY E 100 -15.81 19.01 -12.25
C GLY E 100 -17.18 19.65 -12.50
N ASN E 101 -17.34 20.92 -12.13
CA ASN E 101 -18.53 21.70 -12.37
C ASN E 101 -17.84 22.91 -12.94
N ASP E 102 -18.26 23.15 -14.14
CA ASP E 102 -17.82 24.31 -14.86
C ASP E 102 -19.07 25.07 -15.26
N ASP E 103 -19.12 26.39 -15.21
CA ASP E 103 -20.20 27.13 -15.79
C ASP E 103 -20.15 26.94 -17.31
N HIS E 104 -21.28 27.09 -17.98
CA HIS E 104 -21.26 26.82 -19.39
C HIS E 104 -22.31 27.66 -20.08
N TRP E 105 -21.89 28.90 -20.31
CA TRP E 105 -22.74 29.92 -20.89
C TRP E 105 -22.63 29.84 -22.39
N ILE E 106 -23.74 29.97 -23.12
CA ILE E 106 -23.69 30.00 -24.58
C ILE E 106 -23.67 31.49 -24.88
N ILE E 107 -22.60 32.22 -25.14
CA ILE E 107 -22.68 33.70 -25.31
C ILE E 107 -23.57 34.03 -26.52
N ASP E 108 -23.44 33.36 -27.65
CA ASP E 108 -24.20 33.61 -28.85
C ASP E 108 -24.06 32.31 -29.62
N THR E 109 -24.98 31.97 -30.53
CA THR E 109 -24.99 30.82 -31.40
C THR E 109 -26.20 30.86 -32.31
N ASP E 110 -25.98 31.05 -33.58
CA ASP E 110 -27.07 30.80 -34.50
C ASP E 110 -26.86 29.30 -34.77
N TYR E 111 -27.68 28.50 -34.14
CA TYR E 111 -27.64 27.04 -34.03
C TYR E 111 -27.29 26.41 -35.38
N GLU E 112 -27.34 26.92 -36.60
CA GLU E 112 -26.97 26.25 -37.84
C GLU E 112 -25.55 26.46 -38.21
N THR E 113 -24.79 27.24 -37.45
CA THR E 113 -23.45 27.58 -37.84
C THR E 113 -22.45 27.89 -36.72
N PHE E 114 -22.79 28.64 -35.70
CA PHE E 114 -21.76 28.91 -34.67
C PHE E 114 -22.32 28.99 -33.26
N ALA E 115 -21.40 29.36 -32.39
CA ALA E 115 -21.66 29.50 -30.96
C ALA E 115 -20.36 29.81 -30.21
N VAL E 116 -20.34 30.92 -29.49
CA VAL E 116 -19.19 31.16 -28.62
C VAL E 116 -19.50 30.36 -27.32
N GLN E 117 -18.60 29.82 -26.48
CA GLN E 117 -19.00 29.19 -25.22
C GLN E 117 -18.18 29.96 -24.22
N TYR E 118 -18.56 30.06 -22.97
CA TYR E 118 -17.67 30.67 -22.01
C TYR E 118 -18.02 30.10 -20.65
N SER E 119 -16.94 30.11 -19.86
CA SER E 119 -16.95 29.61 -18.52
C SER E 119 -15.77 30.10 -17.77
N CYS E 120 -16.24 30.77 -16.72
CA CYS E 120 -15.38 31.35 -15.72
C CYS E 120 -15.22 30.39 -14.52
N ARG E 121 -13.98 30.11 -14.09
CA ARG E 121 -13.73 29.13 -13.05
C ARG E 121 -13.42 29.71 -11.71
N LEU E 122 -12.62 30.79 -11.68
CA LEU E 122 -12.26 31.57 -10.48
C LEU E 122 -12.64 33.04 -10.74
N LEU E 123 -13.42 33.80 -9.98
CA LEU E 123 -13.75 35.19 -10.32
C LEU E 123 -12.90 36.19 -9.54
N ASN E 124 -12.25 37.21 -10.12
CA ASN E 124 -11.41 38.16 -9.36
C ASN E 124 -12.22 39.06 -8.41
N LEU E 125 -11.65 39.76 -7.41
CA LEU E 125 -12.49 40.56 -6.50
C LEU E 125 -13.37 41.63 -7.17
N ASP E 126 -12.85 42.41 -8.10
CA ASP E 126 -13.59 43.45 -8.82
C ASP E 126 -14.56 42.93 -9.85
N GLY E 127 -14.65 41.62 -10.00
CA GLY E 127 -15.66 41.03 -10.85
C GLY E 127 -15.21 40.50 -12.18
N THR E 128 -13.99 40.89 -12.58
CA THR E 128 -13.44 40.41 -13.80
C THR E 128 -13.14 38.92 -13.60
N CYS E 129 -13.28 37.99 -14.57
CA CYS E 129 -13.01 36.56 -14.37
C CYS E 129 -11.55 36.32 -14.17
N ALA E 130 -11.15 35.63 -13.13
CA ALA E 130 -9.76 35.40 -12.97
C ALA E 130 -9.29 34.19 -13.80
N ASP E 131 -9.95 33.00 -13.82
CA ASP E 131 -9.61 31.84 -14.65
C ASP E 131 -10.61 31.46 -15.80
N SER E 132 -10.49 31.46 -17.15
CA SER E 132 -11.69 31.29 -17.99
C SER E 132 -11.55 30.54 -19.29
N TYR E 133 -12.34 29.52 -19.75
CA TYR E 133 -12.12 29.00 -21.07
C TYR E 133 -13.26 29.39 -21.99
N SER E 134 -13.06 29.26 -23.28
CA SER E 134 -14.08 29.63 -24.22
C SER E 134 -13.85 28.83 -25.47
N PHE E 135 -14.85 28.30 -26.15
CA PHE E 135 -14.70 27.54 -27.36
C PHE E 135 -15.41 28.27 -28.46
N VAL E 136 -14.97 28.27 -29.71
CA VAL E 136 -15.79 28.78 -30.83
C VAL E 136 -16.24 27.54 -31.57
N PHE E 137 -17.49 27.14 -31.54
CA PHE E 137 -17.85 25.85 -32.05
C PHE E 137 -18.39 25.97 -33.46
N ALA E 138 -17.87 25.42 -34.58
CA ALA E 138 -18.50 25.55 -35.92
C ALA E 138 -19.30 24.32 -36.22
N ARG E 139 -20.31 24.26 -37.05
CA ARG E 139 -21.06 23.03 -37.19
C ARG E 139 -20.59 22.12 -38.30
N ASP E 140 -19.67 22.63 -39.09
CA ASP E 140 -19.09 21.98 -40.27
C ASP E 140 -17.63 22.16 -40.01
N PRO E 141 -16.90 21.07 -40.13
CA PRO E 141 -15.59 21.04 -39.52
C PRO E 141 -14.50 21.80 -40.26
N SER E 142 -14.86 22.24 -41.47
CA SER E 142 -13.99 23.08 -42.32
C SER E 142 -13.67 24.46 -41.83
N GLY E 143 -14.52 24.93 -40.98
CA GLY E 143 -14.44 26.27 -40.45
C GLY E 143 -15.81 26.85 -40.47
N PHE E 144 -16.00 28.15 -40.61
CA PHE E 144 -17.34 28.59 -40.97
C PHE E 144 -17.35 29.92 -41.68
N SER E 145 -18.42 30.11 -42.41
CA SER E 145 -18.59 31.23 -43.27
C SER E 145 -17.97 32.56 -42.79
N PRO E 146 -17.46 33.54 -43.55
CA PRO E 146 -16.95 34.84 -43.09
C PRO E 146 -17.84 35.74 -42.30
N GLN E 147 -19.13 35.63 -42.61
CA GLN E 147 -20.16 36.43 -41.98
C GLN E 147 -20.29 36.03 -40.54
N VAL E 148 -20.55 34.76 -40.29
CA VAL E 148 -20.65 34.27 -38.93
C VAL E 148 -19.28 34.35 -38.30
N GLN E 149 -18.18 34.31 -39.05
CA GLN E 149 -16.86 34.48 -38.49
C GLN E 149 -16.75 35.88 -37.90
N LYS E 150 -17.30 36.88 -38.58
CA LYS E 150 -17.32 38.29 -38.15
C LYS E 150 -18.22 38.59 -37.01
N ILE E 151 -19.20 37.76 -36.79
CA ILE E 151 -20.00 37.97 -35.60
C ILE E 151 -19.19 37.50 -34.37
N VAL E 152 -18.59 36.29 -34.50
CA VAL E 152 -17.82 35.66 -33.46
C VAL E 152 -16.63 36.46 -33.07
N ARG E 153 -15.79 37.04 -33.96
CA ARG E 153 -14.61 37.83 -33.61
C ARG E 153 -15.07 38.96 -32.67
N GLN E 154 -16.23 39.53 -33.05
CA GLN E 154 -16.88 40.63 -32.30
C GLN E 154 -17.07 40.20 -30.84
N ARG E 155 -17.96 39.24 -30.70
CA ARG E 155 -18.29 38.66 -29.40
C ARG E 155 -17.02 38.43 -28.57
N GLN E 156 -16.03 37.80 -29.19
CA GLN E 156 -14.76 37.51 -28.50
C GLN E 156 -14.24 38.74 -27.86
N GLU E 157 -14.35 39.93 -28.44
CA GLU E 157 -13.82 41.08 -27.75
C GLU E 157 -14.69 41.58 -26.58
N GLU E 158 -15.99 41.27 -26.62
CA GLU E 158 -16.94 41.70 -25.59
C GLU E 158 -16.65 40.93 -24.31
N LEU E 159 -16.28 39.67 -24.47
CA LEU E 159 -15.85 38.85 -23.38
C LEU E 159 -14.47 39.29 -22.90
N CYS E 160 -13.73 40.23 -23.47
CA CYS E 160 -12.31 40.49 -23.18
C CYS E 160 -11.30 39.35 -23.47
N LEU E 161 -11.66 38.25 -24.09
CA LEU E 161 -10.71 37.25 -24.53
C LEU E 161 -10.18 37.53 -25.95
N ALA E 162 -10.40 38.69 -26.58
CA ALA E 162 -9.90 38.74 -27.95
C ALA E 162 -8.41 38.93 -27.76
N ARG E 163 -7.66 38.17 -28.59
CA ARG E 163 -6.20 38.04 -28.65
C ARG E 163 -5.77 36.94 -27.71
N GLN E 164 -6.66 36.14 -27.12
CA GLN E 164 -6.20 34.98 -26.43
C GLN E 164 -6.72 33.71 -27.05
N TYR E 165 -7.05 33.58 -28.30
CA TYR E 165 -7.69 32.34 -28.73
C TYR E 165 -6.71 31.57 -29.57
N ARG E 166 -6.60 30.23 -29.69
CA ARG E 166 -5.59 29.65 -30.57
C ARG E 166 -6.27 28.56 -31.32
N LEU E 167 -5.77 28.10 -32.45
CA LEU E 167 -6.52 27.14 -33.26
C LEU E 167 -6.40 25.70 -32.89
N ILE E 168 -7.41 24.98 -33.31
CA ILE E 168 -7.46 23.57 -33.02
C ILE E 168 -7.34 22.91 -34.38
N PRO E 169 -6.34 22.05 -34.61
CA PRO E 169 -6.31 21.10 -35.70
C PRO E 169 -7.26 20.00 -35.45
N HIS E 170 -7.81 19.52 -36.52
CA HIS E 170 -8.57 18.30 -36.52
C HIS E 170 -7.78 17.48 -37.51
N ASN E 171 -7.14 16.49 -36.96
CA ASN E 171 -6.24 15.67 -37.74
C ASN E 171 -6.62 14.20 -37.67
N GLY E 172 -7.48 13.85 -36.77
CA GLY E 172 -7.91 12.47 -36.72
C GLY E 172 -7.18 11.69 -35.67
N TYR E 173 -6.51 12.30 -34.67
CA TYR E 173 -5.97 11.56 -33.54
C TYR E 173 -7.06 10.85 -32.70
N CYS E 174 -8.24 10.44 -33.19
CA CYS E 174 -9.26 9.60 -32.55
C CYS E 174 -10.38 9.47 -33.59
N GLU F 1 -12.39 -28.13 48.97
CA GLU F 1 -12.17 -27.81 47.57
C GLU F 1 -10.73 -27.34 47.34
N ARG F 2 -10.27 -27.14 46.13
CA ARG F 2 -8.99 -26.52 45.99
C ARG F 2 -9.40 -25.11 45.66
N ASP F 3 -8.64 -24.24 46.31
CA ASP F 3 -8.78 -22.80 46.31
C ASP F 3 -8.01 -22.13 45.16
N CYS F 4 -8.47 -22.28 43.95
CA CYS F 4 -7.84 -21.71 42.80
C CYS F 4 -8.38 -20.33 42.38
N ARG F 5 -8.29 -19.32 43.22
CA ARG F 5 -8.64 -17.97 42.81
C ARG F 5 -7.28 -17.31 42.83
N VAL F 6 -7.09 -16.40 41.88
CA VAL F 6 -5.83 -15.67 41.76
C VAL F 6 -5.79 -14.62 42.85
N SER F 7 -6.67 -14.73 43.88
CA SER F 7 -6.54 -13.93 45.10
C SER F 7 -6.06 -14.87 46.21
N SER F 8 -6.52 -16.14 46.18
CA SER F 8 -6.20 -17.13 47.22
C SER F 8 -4.73 -17.56 47.41
N PHE F 9 -4.05 -17.48 46.27
CA PHE F 9 -2.63 -17.74 46.01
C PHE F 9 -1.48 -17.16 46.86
N ARG F 10 -0.81 -18.01 47.67
CA ARG F 10 0.29 -17.58 48.52
C ARG F 10 1.49 -17.43 47.62
N VAL F 11 2.18 -16.29 47.65
CA VAL F 11 3.44 -16.14 46.92
C VAL F 11 4.64 -15.81 47.84
N LYS F 12 5.78 -15.34 47.31
CA LYS F 12 6.97 -15.31 48.14
C LYS F 12 7.00 -14.39 49.36
N GLU F 13 7.09 -15.04 50.50
CA GLU F 13 7.36 -14.24 51.68
C GLU F 13 8.71 -13.50 51.53
N ASN F 14 8.63 -12.20 51.54
CA ASN F 14 9.79 -11.33 51.64
C ASN F 14 11.00 -11.40 50.73
N PHE F 15 10.64 -11.86 49.54
CA PHE F 15 11.44 -11.86 48.32
C PHE F 15 12.69 -10.98 48.29
N ASP F 16 13.95 -11.44 48.46
CA ASP F 16 15.08 -10.55 48.37
C ASP F 16 15.30 -10.37 46.87
N LYS F 17 15.34 -9.16 46.34
CA LYS F 17 15.39 -8.95 44.91
C LYS F 17 16.76 -9.42 44.47
N ALA F 18 17.73 -8.77 45.10
CA ALA F 18 19.14 -9.01 44.88
C ALA F 18 19.58 -10.42 45.38
N ARG F 19 18.71 -11.41 45.37
CA ARG F 19 19.11 -12.77 45.65
C ARG F 19 18.71 -13.42 44.36
N PHE F 20 17.41 -13.33 43.99
CA PHE F 20 16.88 -13.83 42.70
C PHE F 20 17.71 -13.48 41.42
N ALA F 21 18.47 -12.37 41.46
CA ALA F 21 19.38 -11.87 40.44
C ALA F 21 20.17 -13.00 39.81
N GLY F 22 20.24 -13.15 38.49
CA GLY F 22 21.10 -14.17 37.91
C GLY F 22 20.41 -15.02 36.84
N THR F 23 21.16 -15.91 36.17
CA THR F 23 20.68 -16.69 35.04
C THR F 23 19.82 -17.85 35.48
N TRP F 24 18.69 -18.27 35.00
CA TRP F 24 17.91 -19.34 35.56
C TRP F 24 17.47 -20.16 34.34
N TYR F 25 17.79 -21.44 34.13
CA TYR F 25 17.35 -22.15 32.92
C TYR F 25 15.93 -22.66 33.18
N ALA F 26 14.97 -22.27 32.36
CA ALA F 26 13.58 -22.72 32.52
C ALA F 26 13.57 -24.23 32.43
N MET F 27 12.74 -24.90 33.19
CA MET F 27 12.69 -26.33 33.11
C MET F 27 11.35 -26.78 32.65
N ALA F 28 10.28 -26.17 33.16
CA ALA F 28 8.97 -26.51 32.66
C ALA F 28 8.17 -25.25 32.66
N LYS F 29 7.29 -25.09 31.69
CA LYS F 29 6.45 -23.91 31.53
C LYS F 29 4.99 -24.38 31.39
N LYS F 30 3.98 -23.67 31.84
CA LYS F 30 2.61 -24.06 31.50
C LYS F 30 2.19 -23.02 30.46
N ASP F 31 1.98 -23.54 29.25
CA ASP F 31 1.62 -22.70 28.10
C ASP F 31 0.42 -21.81 28.40
N PRO F 32 0.30 -20.59 27.89
CA PRO F 32 -0.95 -19.84 27.93
C PRO F 32 -1.82 -20.23 26.71
N GLU F 33 -2.64 -19.28 26.21
CA GLU F 33 -3.31 -19.43 24.90
C GLU F 33 -2.59 -18.35 24.12
N GLY F 34 -1.97 -18.81 23.05
CA GLY F 34 -1.24 -17.90 22.21
C GLY F 34 0.15 -18.39 21.78
N LEU F 35 0.91 -17.46 21.24
CA LEU F 35 2.24 -17.79 20.87
C LEU F 35 2.97 -17.54 22.16
N PHE F 36 3.73 -18.59 22.45
CA PHE F 36 4.59 -18.59 23.60
C PHE F 36 5.90 -19.18 23.13
N LEU F 37 6.86 -19.14 24.03
CA LEU F 37 8.20 -19.56 23.74
C LEU F 37 8.07 -21.05 23.70
N GLN F 38 8.54 -21.69 22.63
CA GLN F 38 8.43 -23.13 22.55
C GLN F 38 9.42 -24.00 23.43
N ASP F 39 10.75 -23.67 23.50
CA ASP F 39 11.77 -24.37 24.29
C ASP F 39 13.03 -23.57 24.27
N ASN F 40 14.14 -24.12 24.71
CA ASN F 40 15.41 -23.44 24.81
C ASN F 40 15.53 -22.13 25.60
N ILE F 41 14.62 -21.90 26.60
CA ILE F 41 14.39 -20.67 27.44
C ILE F 41 15.28 -20.33 28.64
N VAL F 42 15.85 -19.12 28.78
CA VAL F 42 16.84 -18.80 29.80
C VAL F 42 16.58 -17.42 30.26
N ALA F 43 16.49 -17.04 31.50
CA ALA F 43 16.25 -15.68 31.90
C ALA F 43 17.53 -15.19 32.40
N GLU F 44 17.70 -13.93 32.73
CA GLU F 44 18.91 -13.49 33.40
C GLU F 44 18.35 -12.28 34.11
N PHE F 45 18.38 -12.24 35.45
CA PHE F 45 17.74 -11.18 36.22
C PHE F 45 18.72 -10.13 36.72
N SER F 46 18.48 -8.82 36.70
CA SER F 46 19.42 -7.90 37.36
C SER F 46 18.66 -6.75 37.96
N VAL F 47 19.27 -6.17 38.98
CA VAL F 47 18.68 -5.14 39.76
C VAL F 47 19.76 -4.09 40.03
N ASP F 48 19.56 -3.03 39.26
CA ASP F 48 20.43 -1.86 39.28
C ASP F 48 20.25 -1.08 40.58
N GLU F 49 21.26 -0.27 40.92
CA GLU F 49 21.30 0.56 42.12
C GLU F 49 20.00 1.17 42.64
N ASN F 50 19.14 1.74 41.79
CA ASN F 50 17.83 2.25 42.22
C ASN F 50 16.88 1.06 42.29
N GLY F 51 17.27 -0.09 42.88
CA GLY F 51 16.47 -1.30 43.07
C GLY F 51 15.38 -1.61 42.03
N HIS F 52 15.71 -1.57 40.76
CA HIS F 52 14.76 -1.93 39.74
C HIS F 52 15.30 -3.18 39.11
N MET F 53 14.37 -4.09 38.98
CA MET F 53 14.68 -5.35 38.38
C MET F 53 14.27 -5.30 36.90
N SER F 54 15.24 -5.69 36.08
CA SER F 54 15.08 -5.87 34.65
C SER F 54 15.53 -7.30 34.39
N ALA F 55 14.99 -7.96 33.38
CA ALA F 55 15.38 -9.32 33.10
C ALA F 55 15.49 -9.47 31.60
N THR F 56 16.20 -10.50 31.09
CA THR F 56 16.29 -10.64 29.65
C THR F 56 16.09 -12.08 29.29
N ALA F 57 15.05 -12.63 28.70
CA ALA F 57 15.02 -14.03 28.32
C ALA F 57 15.33 -14.20 26.85
N LYS F 58 15.87 -15.35 26.47
CA LYS F 58 16.21 -15.75 25.12
C LYS F 58 15.28 -16.93 24.97
N GLY F 59 14.94 -17.42 23.80
CA GLY F 59 14.09 -18.60 23.73
C GLY F 59 13.55 -18.80 22.34
N ARG F 60 13.38 -20.04 21.92
CA ARG F 60 12.93 -20.37 20.60
C ARG F 60 11.41 -20.29 20.44
N VAL F 61 11.00 -19.50 19.45
CA VAL F 61 9.57 -19.33 19.15
C VAL F 61 9.29 -19.49 17.68
N ARG F 62 8.38 -20.39 17.41
CA ARG F 62 8.03 -20.62 16.04
C ARG F 62 6.88 -19.72 15.64
N LEU F 63 7.32 -18.64 15.07
CA LEU F 63 6.47 -17.64 14.47
C LEU F 63 5.83 -18.33 13.27
N LEU F 64 4.55 -18.16 13.24
CA LEU F 64 3.61 -18.86 12.35
C LEU F 64 4.02 -19.32 10.91
N ASN F 65 4.67 -18.58 10.01
CA ASN F 65 4.90 -19.24 8.67
C ASN F 65 5.96 -20.35 8.81
N ASN F 66 6.17 -20.64 10.07
CA ASN F 66 7.03 -21.69 10.57
C ASN F 66 8.51 -21.35 10.50
N TRP F 67 8.84 -20.16 10.91
CA TRP F 67 10.25 -19.86 11.08
C TRP F 67 10.47 -19.78 12.56
N ASP F 68 11.45 -20.57 12.91
CA ASP F 68 11.91 -20.72 14.27
C ASP F 68 12.89 -19.58 14.60
N VAL F 69 12.37 -18.43 15.00
CA VAL F 69 13.25 -17.34 15.45
C VAL F 69 13.68 -17.67 16.90
N CYS F 70 14.88 -17.25 17.34
CA CYS F 70 15.36 -17.41 18.70
C CYS F 70 15.19 -16.01 19.33
N ALA F 71 14.01 -15.80 19.89
CA ALA F 71 13.58 -14.49 20.38
C ALA F 71 14.33 -13.87 21.53
N ASP F 72 14.98 -12.71 21.40
CA ASP F 72 15.56 -12.08 22.58
C ASP F 72 14.55 -11.09 23.04
N MET F 73 14.00 -11.26 24.26
CA MET F 73 13.11 -10.32 24.93
C MET F 73 13.90 -9.43 25.87
N VAL F 74 13.26 -8.54 26.63
CA VAL F 74 13.82 -7.66 27.67
C VAL F 74 12.58 -7.48 28.56
N GLY F 75 12.65 -7.39 29.91
CA GLY F 75 11.47 -7.24 30.75
C GLY F 75 11.79 -6.14 31.70
N THR F 76 10.97 -5.16 31.94
CA THR F 76 11.37 -4.14 32.88
C THR F 76 10.16 -4.18 33.79
N PHE F 77 10.43 -4.45 35.08
CA PHE F 77 9.41 -4.60 36.12
C PHE F 77 9.10 -3.35 36.93
N THR F 78 7.86 -3.30 37.37
CA THR F 78 7.46 -2.29 38.29
C THR F 78 6.81 -3.14 39.39
N ASP F 79 7.22 -2.72 40.60
CA ASP F 79 6.89 -3.27 41.91
C ASP F 79 5.40 -2.95 42.25
N THR F 80 4.87 -3.64 43.27
CA THR F 80 3.47 -3.44 43.74
C THR F 80 3.43 -3.24 45.25
N GLU F 81 2.31 -3.63 45.84
CA GLU F 81 2.13 -3.58 47.31
C GLU F 81 3.00 -4.65 47.90
N ASP F 82 2.83 -5.77 47.26
CA ASP F 82 3.55 -6.96 47.59
C ASP F 82 4.97 -6.88 47.01
N PRO F 83 5.94 -7.37 47.80
CA PRO F 83 7.30 -7.60 47.30
C PRO F 83 7.50 -8.74 46.31
N ALA F 84 6.60 -9.72 46.16
CA ALA F 84 6.83 -10.82 45.23
C ALA F 84 5.98 -10.83 43.96
N LYS F 85 5.22 -9.75 43.81
CA LYS F 85 4.29 -9.65 42.70
C LYS F 85 4.71 -8.40 42.00
N PHE F 86 5.00 -8.46 40.70
CA PHE F 86 5.24 -7.21 40.03
C PHE F 86 4.51 -7.30 38.68
N LYS F 87 4.53 -6.12 38.04
CA LYS F 87 4.02 -5.84 36.71
C LYS F 87 5.22 -5.65 35.81
N MET F 88 5.24 -6.45 34.75
CA MET F 88 6.41 -6.55 33.92
C MET F 88 6.11 -6.10 32.49
N LYS F 89 6.83 -5.09 31.97
CA LYS F 89 6.75 -4.67 30.58
C LYS F 89 7.80 -5.45 29.78
N TYR F 90 7.41 -6.08 28.68
CA TYR F 90 8.33 -6.78 27.84
C TYR F 90 8.19 -6.41 26.32
N TRP F 91 9.27 -6.71 25.57
CA TRP F 91 9.40 -6.46 24.15
C TRP F 91 10.62 -7.19 23.59
N GLY F 92 10.84 -7.26 22.29
CA GLY F 92 12.06 -7.87 21.78
C GLY F 92 13.20 -6.90 21.45
N VAL F 93 14.41 -7.40 21.16
CA VAL F 93 15.44 -6.56 20.56
C VAL F 93 14.94 -6.25 19.15
N ALA F 94 14.11 -7.13 18.60
CA ALA F 94 13.55 -6.90 17.30
C ALA F 94 12.18 -6.31 17.47
N SER F 95 11.96 -5.27 16.67
CA SER F 95 10.67 -4.58 16.59
C SER F 95 9.51 -5.56 16.38
N PHE F 96 9.71 -6.50 15.49
CA PHE F 96 8.70 -7.50 15.19
C PHE F 96 8.33 -8.49 16.27
N LEU F 97 8.99 -8.54 17.44
CA LEU F 97 8.65 -9.58 18.40
C LEU F 97 7.65 -8.98 19.41
N GLN F 98 6.74 -9.77 20.02
CA GLN F 98 5.76 -9.31 21.01
C GLN F 98 6.17 -8.28 22.04
N LYS F 99 5.21 -7.55 22.54
CA LYS F 99 5.38 -6.48 23.51
C LYS F 99 4.21 -6.58 24.48
N GLY F 100 4.33 -6.27 25.77
CA GLY F 100 3.16 -6.40 26.63
C GLY F 100 3.37 -5.82 28.02
N ASN F 101 2.35 -5.93 28.85
CA ASN F 101 2.45 -5.55 30.24
C ASN F 101 1.89 -6.82 30.88
N ASP F 102 2.76 -7.69 31.32
CA ASP F 102 2.35 -8.97 31.83
C ASP F 102 2.50 -9.09 33.34
N ASP F 103 1.80 -10.10 33.86
CA ASP F 103 2.01 -10.44 35.23
C ASP F 103 3.26 -11.30 35.59
N HIS F 104 3.91 -11.08 36.74
CA HIS F 104 5.09 -11.86 37.12
C HIS F 104 5.27 -12.02 38.66
N TRP F 105 4.59 -13.10 39.01
CA TRP F 105 4.46 -13.61 40.34
C TRP F 105 5.52 -14.63 40.72
N ILE F 106 6.33 -14.38 41.74
CA ILE F 106 7.29 -15.40 42.11
C ILE F 106 6.45 -16.21 43.05
N ILE F 107 6.22 -17.50 42.87
CA ILE F 107 5.40 -18.22 43.85
C ILE F 107 6.20 -18.66 45.02
N ASP F 108 7.45 -18.90 44.72
CA ASP F 108 8.34 -19.51 45.68
C ASP F 108 9.73 -19.57 45.06
N THR F 109 10.73 -19.48 45.88
CA THR F 109 12.10 -19.63 45.40
C THR F 109 13.08 -19.69 46.57
N ASP F 110 14.06 -20.55 46.41
CA ASP F 110 15.12 -20.70 47.41
C ASP F 110 16.39 -20.05 46.85
N TYR F 111 16.12 -19.18 45.90
CA TYR F 111 17.08 -18.32 45.19
C TYR F 111 18.40 -18.98 44.80
N GLU F 112 18.77 -20.06 45.44
CA GLU F 112 20.07 -20.68 45.12
C GLU F 112 19.76 -21.86 44.19
N THR F 113 18.60 -22.50 44.27
CA THR F 113 18.32 -23.71 43.50
C THR F 113 17.06 -23.76 42.61
N PHE F 114 15.92 -23.07 42.90
CA PHE F 114 14.71 -23.12 42.05
C PHE F 114 13.79 -21.89 42.09
N ALA F 115 12.66 -21.92 41.35
CA ALA F 115 11.57 -20.92 41.39
C ALA F 115 10.26 -21.33 40.73
N VAL F 116 9.03 -21.16 41.27
CA VAL F 116 7.88 -21.34 40.35
C VAL F 116 7.57 -19.88 39.99
N GLN F 117 7.13 -19.61 38.75
CA GLN F 117 6.85 -18.28 38.25
C GLN F 117 5.42 -18.36 37.86
N TYR F 118 4.58 -17.34 38.11
CA TYR F 118 3.17 -17.33 37.74
C TYR F 118 2.80 -16.04 37.03
N SER F 119 1.82 -16.05 36.13
CA SER F 119 1.30 -14.84 35.51
C SER F 119 -0.05 -15.32 35.03
N CYS F 120 -1.08 -14.60 35.49
CA CYS F 120 -2.45 -14.77 35.05
C CYS F 120 -2.67 -13.59 34.07
N ARG F 121 -3.29 -13.78 32.92
CA ARG F 121 -3.42 -12.69 31.97
C ARG F 121 -4.84 -12.15 31.90
N LEU F 122 -5.78 -13.10 31.97
CA LEU F 122 -7.19 -12.80 31.95
C LEU F 122 -7.75 -13.42 33.22
N LEU F 123 -8.43 -12.63 34.06
CA LEU F 123 -9.03 -13.33 35.19
C LEU F 123 -10.36 -14.01 34.75
N ASN F 124 -11.12 -14.79 35.50
CA ASN F 124 -12.46 -15.18 35.06
C ASN F 124 -13.32 -14.21 35.88
N LEU F 125 -14.65 -14.30 35.73
CA LEU F 125 -15.55 -13.50 36.55
C LEU F 125 -15.35 -13.94 37.99
N ASP F 126 -15.61 -15.24 38.22
CA ASP F 126 -15.48 -15.87 39.54
C ASP F 126 -14.11 -15.75 40.16
N GLY F 127 -13.03 -15.57 39.40
CA GLY F 127 -11.75 -15.38 40.07
C GLY F 127 -10.64 -16.36 39.70
N THR F 128 -11.06 -17.42 39.03
CA THR F 128 -10.07 -18.36 38.53
C THR F 128 -9.39 -17.63 37.36
N CYS F 129 -8.14 -17.91 37.14
CA CYS F 129 -7.39 -17.38 36.00
C CYS F 129 -8.01 -17.95 34.75
N ALA F 130 -8.38 -17.11 33.79
CA ALA F 130 -8.83 -17.70 32.53
C ALA F 130 -7.63 -18.10 31.65
N ASP F 131 -6.40 -17.63 31.96
CA ASP F 131 -5.19 -17.82 31.15
C ASP F 131 -3.86 -17.54 31.91
N SER F 132 -3.10 -18.56 32.29
CA SER F 132 -1.85 -18.42 33.02
C SER F 132 -0.64 -19.03 32.35
N TYR F 133 0.59 -18.63 32.74
CA TYR F 133 1.82 -19.33 32.34
C TYR F 133 2.70 -19.40 33.56
N SER F 134 3.30 -20.55 33.74
CA SER F 134 4.11 -20.73 34.91
C SER F 134 5.40 -21.37 34.49
N PHE F 135 6.53 -20.80 34.93
CA PHE F 135 7.84 -21.32 34.58
C PHE F 135 8.41 -21.94 35.82
N VAL F 136 9.08 -23.09 35.79
CA VAL F 136 9.73 -23.69 36.94
C VAL F 136 11.16 -23.30 36.55
N PHE F 137 11.92 -22.52 37.27
CA PHE F 137 13.30 -22.31 36.90
C PHE F 137 14.18 -23.25 37.75
N ALA F 138 15.35 -23.67 37.29
CA ALA F 138 16.38 -24.41 38.04
C ALA F 138 17.57 -23.52 37.91
N ARG F 139 18.53 -23.46 38.81
CA ARG F 139 19.60 -22.48 38.56
C ARG F 139 20.89 -23.01 37.90
N ASP F 140 20.75 -24.31 37.60
CA ASP F 140 21.77 -25.22 37.07
C ASP F 140 21.16 -25.81 35.80
N PRO F 141 21.87 -25.83 34.68
CA PRO F 141 21.32 -26.36 33.43
C PRO F 141 20.69 -27.76 33.44
N SER F 142 21.34 -28.58 34.25
CA SER F 142 21.14 -30.00 34.37
C SER F 142 19.77 -30.58 34.70
N GLY F 143 18.99 -29.84 35.49
CA GLY F 143 17.67 -30.24 36.00
C GLY F 143 17.73 -29.83 37.44
N PHE F 144 17.10 -30.37 38.47
CA PHE F 144 17.49 -29.89 39.82
C PHE F 144 17.09 -30.83 40.95
N SER F 145 17.83 -30.75 42.04
CA SER F 145 17.76 -31.61 43.20
C SER F 145 16.37 -32.16 43.66
N PRO F 146 16.04 -33.48 43.72
CA PRO F 146 14.69 -34.00 43.97
C PRO F 146 13.91 -33.45 45.15
N GLN F 147 14.61 -32.89 46.14
CA GLN F 147 14.05 -32.40 47.40
C GLN F 147 13.22 -31.17 47.08
N VAL F 148 13.87 -30.22 46.39
CA VAL F 148 13.30 -28.95 46.02
C VAL F 148 12.42 -29.29 44.84
N GLN F 149 12.74 -30.29 44.03
CA GLN F 149 11.83 -30.71 42.98
C GLN F 149 10.47 -31.09 43.61
N LYS F 150 10.49 -31.71 44.79
CA LYS F 150 9.30 -32.05 45.55
C LYS F 150 8.49 -30.81 46.00
N ILE F 151 9.24 -29.76 46.35
CA ILE F 151 8.67 -28.49 46.75
C ILE F 151 7.89 -27.95 45.57
N VAL F 152 8.55 -27.83 44.42
CA VAL F 152 7.81 -27.21 43.33
C VAL F 152 6.72 -28.12 42.77
N ARG F 153 6.75 -29.45 42.82
CA ARG F 153 5.56 -30.16 42.31
C ARG F 153 4.40 -29.71 43.19
N GLN F 154 4.62 -29.64 44.53
CA GLN F 154 3.57 -29.41 45.50
C GLN F 154 2.86 -28.12 45.19
N ARG F 155 3.71 -27.05 45.08
CA ARG F 155 3.21 -25.70 44.83
C ARG F 155 2.29 -25.71 43.63
N GLN F 156 2.75 -26.30 42.53
CA GLN F 156 2.00 -26.33 41.32
C GLN F 156 0.58 -26.74 41.60
N GLU F 157 0.32 -27.76 42.44
CA GLU F 157 -1.07 -28.15 42.61
C GLU F 157 -1.76 -27.06 43.41
N GLU F 158 -1.08 -26.40 44.34
CA GLU F 158 -1.73 -25.33 45.13
C GLU F 158 -2.09 -24.12 44.26
N LEU F 159 -1.47 -24.07 43.06
CA LEU F 159 -1.71 -23.11 41.99
C LEU F 159 -2.69 -23.62 40.91
N CYS F 160 -2.93 -24.92 40.95
CA CYS F 160 -3.96 -25.60 40.11
C CYS F 160 -3.60 -25.82 38.63
N LEU F 161 -2.38 -25.53 38.21
CA LEU F 161 -1.99 -25.82 36.81
C LEU F 161 -1.20 -27.10 36.84
N ALA F 162 -1.84 -28.22 37.04
CA ALA F 162 -1.01 -29.35 37.44
C ALA F 162 -1.02 -30.67 36.73
N ARG F 163 -1.38 -30.23 36.26
CA ARG F 163 -1.06 -31.26 35.74
C ARG F 163 -0.69 -30.83 34.30
N GLN F 164 -0.68 -29.50 34.06
CA GLN F 164 -0.38 -28.92 32.71
C GLN F 164 1.09 -28.38 32.63
N TYR F 165 2.18 -29.17 32.64
CA TYR F 165 3.54 -28.67 32.53
C TYR F 165 4.31 -29.55 31.57
N ARG F 166 5.25 -28.95 30.94
CA ARG F 166 5.84 -29.55 29.79
C ARG F 166 7.33 -29.31 29.96
N LEU F 167 8.12 -30.23 29.42
CA LEU F 167 9.55 -30.18 29.54
C LEU F 167 10.17 -29.27 28.53
N ILE F 168 11.24 -28.63 28.95
CA ILE F 168 12.02 -27.81 28.04
C ILE F 168 13.45 -28.33 27.69
N PRO F 169 13.68 -28.92 26.48
CA PRO F 169 14.96 -29.26 25.88
C PRO F 169 15.87 -28.12 25.79
N HIS F 170 16.96 -28.05 26.51
CA HIS F 170 17.79 -26.91 26.19
C HIS F 170 18.81 -27.57 25.29
N ASN F 171 18.79 -27.30 23.99
CA ASN F 171 19.69 -27.96 23.04
C ASN F 171 20.18 -26.95 22.04
N GLY F 172 20.83 -25.99 22.70
CA GLY F 172 21.58 -24.92 22.08
C GLY F 172 21.01 -24.45 20.76
N TYR F 173 19.75 -23.95 20.71
CA TYR F 173 19.25 -23.27 19.53
C TYR F 173 19.83 -21.87 19.56
N CYS F 174 20.16 -21.25 20.68
CA CYS F 174 20.83 -19.96 20.66
C CYS F 174 22.27 -20.25 21.21
#